data_1UIW
#
_entry.id   1UIW
#
_cell.length_a   66.137
_cell.length_b   96.338
_cell.length_c   102.476
_cell.angle_alpha   90.00
_cell.angle_beta   101.79
_cell.angle_gamma   90.00
#
_symmetry.space_group_name_H-M   'P 1 21 1'
#
loop_
_entity.id
_entity.type
_entity.pdbx_description
1 polymer 'Hemoglobin alpha chain'
2 polymer 'Hemoglobin beta chain'
3 non-polymer 'PROTOPORPHYRIN IX CONTAINING FE'
4 non-polymer BUT-2-ENEDIAL
5 water water
#
loop_
_entity_poly.entity_id
_entity_poly.type
_entity_poly.pdbx_seq_one_letter_code
_entity_poly.pdbx_strand_id
1 'polypeptide(L)'
;VLSPADKTNVKAAWGKVGAHAGEYGAEALERMFLSFPTTKTYFPHFDLSHGSAQVKGHGKKVADALTNAVAHVDDMPNAL
SALSDLHAHKLRVDPVNFKLLSHCLLVTLAAHLPAEFTPAVHASLDKFLASVSTVLTSKYR
;
A,C,E,G
2 'polypeptide(L)'
;VHLTPEEKSAVTALWGKVNVDEVGGEALGRLLVVYPWTQRFFESFGDLSTPDAVMGNPKVKAHGKKVLGAFSDGLAHLDN
LKGTFATLSELHCDKLHVDPENFRLLGNVLVCVLAHHFGKEFTPPVQAAYQKVVAGVANALAHKYH
;
B,D,F,H
#
loop_
_chem_comp.id
_chem_comp.type
_chem_comp.name
_chem_comp.formula
2FU non-polymer BUT-2-ENEDIAL 'C4 H4 O2'
HEM non-polymer 'PROTOPORPHYRIN IX CONTAINING FE' 'C34 H32 Fe N4 O4'
#
# COMPACT_ATOMS: atom_id res chain seq x y z
N VAL A 1 -21.42 32.76 -12.26
CA VAL A 1 -22.63 33.62 -12.35
C VAL A 1 -22.60 34.30 -13.73
N LEU A 2 -23.77 34.70 -14.23
CA LEU A 2 -23.83 35.44 -15.50
C LEU A 2 -23.58 36.95 -15.27
N SER A 3 -22.59 37.50 -15.94
CA SER A 3 -22.23 38.93 -15.86
C SER A 3 -23.20 39.81 -16.66
N PRO A 4 -23.20 41.14 -16.48
CA PRO A 4 -23.98 42.01 -17.37
C PRO A 4 -23.63 41.82 -18.85
N ALA A 5 -22.35 41.69 -19.18
CA ALA A 5 -21.93 41.39 -20.55
C ALA A 5 -22.52 40.06 -21.07
N ASP A 6 -22.49 39.01 -20.27
CA ASP A 6 -23.11 37.72 -20.66
C ASP A 6 -24.59 37.91 -21.05
N LYS A 7 -25.34 38.61 -20.19
CA LYS A 7 -26.77 38.82 -20.36
C LYS A 7 -27.08 39.60 -21.65
N THR A 8 -26.31 40.67 -21.90
CA THR A 8 -26.39 41.42 -23.16
C THR A 8 -26.06 40.58 -24.40
N ASN A 9 -24.98 39.79 -24.35
CA ASN A 9 -24.63 38.91 -25.49
C ASN A 9 -25.72 37.84 -25.79
N VAL A 10 -26.27 37.24 -24.74
CA VAL A 10 -27.31 36.21 -24.91
C VAL A 10 -28.59 36.83 -25.51
N LYS A 11 -29.00 38.00 -25.02
CA LYS A 11 -30.22 38.65 -25.54
C LYS A 11 -30.08 39.04 -27.02
N ALA A 12 -28.90 39.55 -27.41
CA ALA A 12 -28.62 39.91 -28.79
C ALA A 12 -28.63 38.71 -29.73
N ALA A 13 -27.95 37.63 -29.34
CA ALA A 13 -27.86 36.43 -30.18
C ALA A 13 -29.20 35.72 -30.32
N TRP A 14 -29.91 35.52 -29.21
CA TRP A 14 -31.22 34.85 -29.24
C TRP A 14 -32.29 35.71 -29.95
N GLY A 15 -32.13 37.04 -29.90
CA GLY A 15 -33.00 37.96 -30.64
C GLY A 15 -32.89 37.80 -32.15
N LYS A 16 -31.66 37.61 -32.63
CA LYS A 16 -31.37 37.40 -34.05
C LYS A 16 -31.97 36.09 -34.55
N VAL A 17 -32.07 35.12 -33.65
CA VAL A 17 -32.76 33.85 -33.90
C VAL A 17 -34.21 34.12 -34.32
N GLY A 18 -34.90 34.95 -33.55
CA GLY A 18 -36.24 35.41 -33.87
C GLY A 18 -37.23 34.29 -34.10
N ALA A 19 -37.88 34.31 -35.27
CA ALA A 19 -38.92 33.34 -35.65
C ALA A 19 -38.42 31.96 -36.15
N HIS A 20 -37.10 31.79 -36.19
CA HIS A 20 -36.51 30.48 -36.53
C HIS A 20 -36.32 29.59 -35.30
N ALA A 21 -36.61 30.13 -34.11
CA ALA A 21 -36.35 29.41 -32.86
C ALA A 21 -36.82 27.95 -32.87
N GLY A 22 -38.06 27.73 -33.29
CA GLY A 22 -38.64 26.39 -33.42
C GLY A 22 -37.91 25.41 -34.34
N GLU A 23 -37.61 25.84 -35.58
CA GLU A 23 -36.81 25.10 -36.57
C GLU A 23 -35.45 24.72 -35.97
N TYR A 24 -34.84 25.68 -35.26
CA TYR A 24 -33.51 25.44 -34.66
C TYR A 24 -33.56 24.42 -33.52
N GLY A 25 -34.65 24.40 -32.75
CA GLY A 25 -34.82 23.39 -31.70
C GLY A 25 -34.87 21.97 -32.27
N ALA A 26 -35.63 21.76 -33.35
CA ALA A 26 -35.69 20.46 -34.01
C ALA A 26 -34.34 20.00 -34.59
N GLU A 27 -33.63 20.93 -35.24
CA GLU A 27 -32.29 20.67 -35.77
C GLU A 27 -31.31 20.27 -34.64
N ALA A 28 -31.30 21.00 -33.53
CA ALA A 28 -30.47 20.64 -32.37
C ALA A 28 -30.74 19.22 -31.80
N LEU A 29 -32.02 18.84 -31.71
CA LEU A 29 -32.42 17.48 -31.31
C LEU A 29 -31.84 16.41 -32.27
N GLU A 30 -32.01 16.59 -33.59
CA GLU A 30 -31.44 15.63 -34.58
C GLU A 30 -29.91 15.55 -34.46
N ARG A 31 -29.23 16.70 -34.34
CA ARG A 31 -27.79 16.70 -34.07
C ARG A 31 -27.40 15.86 -32.82
N MET A 32 -28.18 15.95 -31.74
CA MET A 32 -27.94 15.17 -30.51
C MET A 32 -28.17 13.67 -30.73
N PHE A 33 -29.27 13.28 -31.38
CA PHE A 33 -29.56 11.83 -31.58
C PHE A 33 -28.48 11.14 -32.45
N LEU A 34 -27.98 11.84 -33.46
CA LEU A 34 -26.96 11.30 -34.37
C LEU A 34 -25.56 11.27 -33.76
N SER A 35 -25.20 12.35 -33.06
CA SER A 35 -23.85 12.50 -32.47
C SER A 35 -23.62 11.72 -31.17
N PHE A 36 -24.69 11.59 -30.37
CA PHE A 36 -24.64 10.98 -29.03
C PHE A 36 -25.76 9.91 -28.91
N PRO A 37 -25.57 8.74 -29.51
CA PRO A 37 -26.69 7.78 -29.64
C PRO A 37 -27.34 7.32 -28.31
N THR A 38 -26.64 7.38 -27.18
CA THR A 38 -27.26 7.00 -25.89
C THR A 38 -28.50 7.87 -25.53
N THR A 39 -28.56 9.09 -26.10
CA THR A 39 -29.72 9.99 -25.82
C THR A 39 -31.03 9.46 -26.43
N LYS A 40 -30.94 8.60 -27.46
CA LYS A 40 -32.12 7.95 -28.07
C LYS A 40 -32.89 7.06 -27.08
N THR A 41 -32.25 6.62 -25.98
CA THR A 41 -32.93 5.74 -24.98
C THR A 41 -34.10 6.44 -24.28
N TYR A 42 -34.15 7.79 -24.35
CA TYR A 42 -35.24 8.55 -23.74
C TYR A 42 -36.46 8.78 -24.65
N PHE A 43 -36.33 8.40 -25.93
CA PHE A 43 -37.39 8.63 -26.93
C PHE A 43 -37.83 7.35 -27.71
N PRO A 44 -38.01 6.19 -27.06
CA PRO A 44 -38.39 4.97 -27.80
C PRO A 44 -39.84 5.06 -28.35
N HIS A 45 -40.65 5.97 -27.78
CA HIS A 45 -42.06 6.22 -28.18
C HIS A 45 -42.18 7.19 -29.37
N PHE A 46 -41.06 7.72 -29.87
CA PHE A 46 -41.02 8.63 -31.03
C PHE A 46 -40.55 7.89 -32.30
N ASP A 47 -41.07 8.31 -33.46
CA ASP A 47 -40.43 8.10 -34.77
C ASP A 47 -39.29 9.15 -34.87
N LEU A 48 -38.04 8.69 -34.88
CA LEU A 48 -36.84 9.54 -34.99
C LEU A 48 -36.32 9.83 -36.43
N SER A 49 -37.12 9.49 -37.46
CA SER A 49 -36.80 9.83 -38.87
C SER A 49 -36.45 11.32 -39.06
N HIS A 50 -35.53 11.65 -39.97
CA HIS A 50 -35.31 13.05 -40.36
C HIS A 50 -36.65 13.66 -40.79
N GLY A 51 -36.97 14.85 -40.28
CA GLY A 51 -38.22 15.54 -40.61
C GLY A 51 -39.47 15.11 -39.83
N SER A 52 -39.31 14.21 -38.86
CA SER A 52 -40.39 13.71 -38.01
C SER A 52 -41.27 14.81 -37.41
N ALA A 53 -42.59 14.67 -37.52
CA ALA A 53 -43.54 15.58 -36.85
C ALA A 53 -43.39 15.64 -35.33
N GLN A 54 -43.15 14.49 -34.69
CA GLN A 54 -42.94 14.46 -33.23
C GLN A 54 -41.67 15.21 -32.81
N VAL A 55 -40.59 15.07 -33.59
CA VAL A 55 -39.35 15.81 -33.27
C VAL A 55 -39.56 17.31 -33.44
N LYS A 56 -40.23 17.71 -34.54
CA LYS A 56 -40.59 19.13 -34.80
C LYS A 56 -41.40 19.76 -33.66
N GLY A 57 -42.44 19.04 -33.18
CA GLY A 57 -43.25 19.49 -32.06
C GLY A 57 -42.48 19.67 -30.75
N HIS A 58 -41.64 18.68 -30.44
CA HIS A 58 -40.79 18.75 -29.26
C HIS A 58 -39.73 19.87 -29.37
N GLY A 59 -39.17 20.08 -30.56
CA GLY A 59 -38.22 21.18 -30.79
C GLY A 59 -38.79 22.56 -30.52
N LYS A 60 -40.06 22.76 -30.90
CA LYS A 60 -40.76 24.01 -30.59
C LYS A 60 -40.96 24.23 -29.08
N LYS A 61 -41.34 23.20 -28.33
CA LYS A 61 -41.46 23.31 -26.87
C LYS A 61 -40.11 23.67 -26.21
N VAL A 62 -39.02 22.99 -26.61
CA VAL A 62 -37.70 23.29 -26.04
C VAL A 62 -37.25 24.74 -26.33
N ALA A 63 -37.40 25.18 -27.58
CA ALA A 63 -37.04 26.55 -27.98
C ALA A 63 -37.87 27.62 -27.26
N ASP A 64 -39.17 27.37 -27.08
CA ASP A 64 -40.03 28.31 -26.35
C ASP A 64 -39.64 28.45 -24.87
N ALA A 65 -39.21 27.35 -24.25
CA ALA A 65 -38.68 27.40 -22.88
C ALA A 65 -37.40 28.23 -22.78
N LEU A 66 -36.51 28.10 -23.77
CA LEU A 66 -35.31 28.95 -23.84
C LEU A 66 -35.67 30.44 -23.98
N THR A 67 -36.65 30.75 -24.82
CA THR A 67 -37.12 32.13 -25.00
C THR A 67 -37.62 32.73 -23.68
N ASN A 68 -38.40 31.95 -22.93
CA ASN A 68 -38.88 32.35 -21.60
C ASN A 68 -37.73 32.58 -20.61
N ALA A 69 -36.72 31.70 -20.64
CA ALA A 69 -35.55 31.84 -19.78
C ALA A 69 -34.74 33.12 -20.05
N VAL A 70 -34.54 33.46 -21.33
CA VAL A 70 -33.89 34.72 -21.76
C VAL A 70 -34.67 35.94 -21.27
N ALA A 71 -36.00 35.89 -21.39
CA ALA A 71 -36.87 36.99 -20.96
C ALA A 71 -36.85 37.22 -19.46
N HIS A 72 -36.59 36.16 -18.70
CA HIS A 72 -36.54 36.20 -17.24
C HIS A 72 -35.15 35.81 -16.71
N VAL A 73 -34.09 36.28 -17.38
CA VAL A 73 -32.73 35.84 -17.06
C VAL A 73 -32.27 36.26 -15.65
N ASP A 74 -32.90 37.30 -15.10
CA ASP A 74 -32.62 37.78 -13.76
C ASP A 74 -33.22 36.90 -12.66
N ASP A 75 -34.14 35.98 -13.02
CA ASP A 75 -34.73 35.04 -12.06
C ASP A 75 -35.19 33.73 -12.73
N MET A 76 -34.21 32.94 -13.16
CA MET A 76 -34.50 31.68 -13.84
C MET A 76 -35.04 30.57 -12.92
N PRO A 77 -34.58 30.44 -11.67
CA PRO A 77 -35.18 29.45 -10.77
C PRO A 77 -36.71 29.54 -10.66
N ASN A 78 -37.26 30.75 -10.53
CA ASN A 78 -38.72 30.90 -10.54
C ASN A 78 -39.38 30.65 -11.91
N ALA A 79 -38.82 31.23 -12.97
CA ALA A 79 -39.38 31.06 -14.32
C ALA A 79 -39.46 29.58 -14.74
N LEU A 80 -38.42 28.81 -14.40
CA LEU A 80 -38.33 27.39 -14.79
C LEU A 80 -38.82 26.38 -13.76
N SER A 81 -39.46 26.83 -12.67
CA SER A 81 -39.88 25.94 -11.56
C SER A 81 -40.73 24.74 -11.97
N ALA A 82 -41.76 24.96 -12.79
CA ALA A 82 -42.62 23.86 -13.24
C ALA A 82 -41.84 22.83 -14.09
N LEU A 83 -40.96 23.31 -14.96
CA LEU A 83 -40.15 22.42 -15.80
C LEU A 83 -39.10 21.63 -15.01
N SER A 84 -38.52 22.26 -13.99
CA SER A 84 -37.59 21.59 -13.09
C SER A 84 -38.30 20.48 -12.28
N ASP A 85 -39.55 20.73 -11.85
CA ASP A 85 -40.37 19.69 -11.19
C ASP A 85 -40.59 18.44 -12.09
N LEU A 86 -40.98 18.72 -13.34
CA LEU A 86 -41.25 17.68 -14.36
C LEU A 86 -40.03 16.77 -14.62
N HIS A 87 -38.86 17.37 -14.81
CA HIS A 87 -37.66 16.55 -15.06
C HIS A 87 -37.23 15.76 -13.80
N ALA A 88 -37.32 16.36 -12.60
CA ALA A 88 -36.90 15.67 -11.37
C ALA A 88 -37.81 14.50 -10.94
N HIS A 89 -39.11 14.67 -11.12
CA HIS A 89 -40.07 13.72 -10.54
C HIS A 89 -40.71 12.75 -11.52
N LYS A 90 -40.77 13.11 -12.79
CA LYS A 90 -41.40 12.25 -13.82
C LYS A 90 -40.39 11.73 -14.88
N LEU A 91 -39.86 12.64 -15.70
CA LEU A 91 -38.99 12.24 -16.83
C LEU A 91 -37.70 11.56 -16.35
N ARG A 92 -37.02 12.16 -15.34
CA ARG A 92 -35.89 11.52 -14.66
C ARG A 92 -34.68 11.21 -15.58
N VAL A 93 -34.46 12.10 -16.55
CA VAL A 93 -33.30 12.03 -17.47
C VAL A 93 -31.99 12.17 -16.71
N ASP A 94 -31.01 11.27 -16.92
CA ASP A 94 -29.77 11.40 -16.13
C ASP A 94 -29.11 12.76 -16.36
N PRO A 95 -28.65 13.44 -15.28
CA PRO A 95 -27.99 14.75 -15.42
C PRO A 95 -26.87 14.83 -16.47
N VAL A 96 -26.13 13.75 -16.78
CA VAL A 96 -25.07 13.82 -17.80
C VAL A 96 -25.56 14.27 -19.20
N ASN A 97 -26.84 14.06 -19.50
CA ASN A 97 -27.34 14.34 -20.85
C ASN A 97 -27.56 15.83 -21.18
N PHE A 98 -27.69 16.67 -20.14
CA PHE A 98 -27.95 18.10 -20.38
C PHE A 98 -26.77 18.81 -21.07
N LYS A 99 -25.53 18.41 -20.76
CA LYS A 99 -24.34 18.93 -21.47
C LYS A 99 -24.32 18.54 -22.98
N LEU A 100 -24.91 17.38 -23.29
CA LEU A 100 -24.96 16.89 -24.67
C LEU A 100 -25.91 17.74 -25.53
N LEU A 101 -27.13 17.98 -25.02
CA LEU A 101 -28.07 18.89 -25.73
C LEU A 101 -27.52 20.34 -25.79
N SER A 102 -26.89 20.80 -24.69
CA SER A 102 -26.30 22.15 -24.67
C SER A 102 -25.27 22.35 -25.81
N HIS A 103 -24.35 21.39 -25.98
CA HIS A 103 -23.34 21.41 -27.06
C HIS A 103 -24.03 21.48 -28.45
N CYS A 104 -25.06 20.67 -28.66
CA CYS A 104 -25.75 20.63 -29.95
C CYS A 104 -26.54 21.93 -30.25
N LEU A 105 -27.09 22.58 -29.22
CA LEU A 105 -27.72 23.92 -29.38
C LEU A 105 -26.67 24.97 -29.79
N LEU A 106 -25.49 24.95 -29.14
CA LEU A 106 -24.36 25.84 -29.49
C LEU A 106 -23.91 25.66 -30.95
N VAL A 107 -23.77 24.40 -31.38
CA VAL A 107 -23.39 24.07 -32.78
C VAL A 107 -24.43 24.60 -33.79
N THR A 108 -25.72 24.42 -33.48
CA THR A 108 -26.82 24.91 -34.32
C THR A 108 -26.77 26.45 -34.48
N LEU A 109 -26.53 27.16 -33.37
CA LEU A 109 -26.38 28.63 -33.41
C LEU A 109 -25.16 29.06 -34.24
N ALA A 110 -24.02 28.40 -34.06
CA ALA A 110 -22.82 28.64 -34.86
C ALA A 110 -23.09 28.54 -36.39
N ALA A 111 -23.86 27.50 -36.79
CA ALA A 111 -24.15 27.23 -38.21
C ALA A 111 -25.09 28.25 -38.85
N HIS A 112 -25.83 28.99 -38.02
CA HIS A 112 -26.84 29.97 -38.47
C HIS A 112 -26.50 31.45 -38.20
N LEU A 113 -25.47 31.74 -37.39
CA LEU A 113 -25.11 33.13 -37.01
C LEU A 113 -23.67 33.52 -37.39
N PRO A 114 -23.33 33.61 -38.69
CA PRO A 114 -21.95 33.93 -39.10
C PRO A 114 -21.36 35.21 -38.49
N ALA A 115 -22.07 36.33 -38.55
CA ALA A 115 -21.52 37.57 -37.99
C ALA A 115 -21.53 37.63 -36.46
N GLU A 116 -22.59 37.08 -35.85
CA GLU A 116 -22.83 37.21 -34.41
C GLU A 116 -22.00 36.26 -33.49
N PHE A 117 -21.60 35.10 -34.01
CA PHE A 117 -20.93 34.08 -33.18
C PHE A 117 -19.43 34.34 -32.96
N THR A 118 -19.10 35.48 -32.30
CA THR A 118 -17.72 35.84 -31.95
C THR A 118 -17.20 34.96 -30.79
N PRO A 119 -15.88 34.94 -30.51
CA PRO A 119 -15.37 34.26 -29.30
C PRO A 119 -16.07 34.67 -27.98
N ALA A 120 -16.29 35.97 -27.74
CA ALA A 120 -16.99 36.40 -26.52
C ALA A 120 -18.45 35.93 -26.44
N VAL A 121 -19.20 36.01 -27.55
CA VAL A 121 -20.59 35.54 -27.61
C VAL A 121 -20.71 34.00 -27.42
N HIS A 122 -19.78 33.24 -28.02
CA HIS A 122 -19.63 31.78 -27.80
C HIS A 122 -19.47 31.49 -26.28
N ALA A 123 -18.54 32.19 -25.61
CA ALA A 123 -18.35 32.00 -24.15
C ALA A 123 -19.64 32.29 -23.33
N SER A 124 -20.31 33.41 -23.64
CA SER A 124 -21.56 33.80 -22.94
C SER A 124 -22.72 32.78 -23.13
N LEU A 125 -22.92 32.32 -24.38
CA LEU A 125 -23.91 31.28 -24.67
C LEU A 125 -23.65 29.94 -23.97
N ASP A 126 -22.38 29.52 -23.93
CA ASP A 126 -22.00 28.30 -23.19
C ASP A 126 -22.33 28.44 -21.69
N LYS A 127 -21.98 29.57 -21.08
CA LYS A 127 -22.33 29.80 -19.68
C LYS A 127 -23.86 29.80 -19.46
N PHE A 128 -24.61 30.46 -20.35
CA PHE A 128 -26.07 30.51 -20.23
C PHE A 128 -26.72 29.11 -20.25
N LEU A 129 -26.32 28.28 -21.24
CA LEU A 129 -26.89 26.93 -21.35
C LEU A 129 -26.52 26.03 -20.16
N ALA A 130 -25.31 26.21 -19.61
CA ALA A 130 -24.92 25.48 -18.38
C ALA A 130 -25.78 25.90 -17.15
N SER A 131 -26.11 27.20 -17.06
CA SER A 131 -26.99 27.74 -16.01
C SER A 131 -28.44 27.20 -16.11
N VAL A 132 -29.01 27.19 -17.31
CA VAL A 132 -30.33 26.57 -17.54
C VAL A 132 -30.33 25.08 -17.11
N SER A 133 -29.28 24.35 -17.50
CA SER A 133 -29.15 22.92 -17.16
C SER A 133 -29.07 22.70 -15.64
N THR A 134 -28.33 23.56 -14.93
CA THR A 134 -28.25 23.52 -13.47
C THR A 134 -29.62 23.73 -12.80
N VAL A 135 -30.39 24.70 -13.26
CA VAL A 135 -31.75 24.90 -12.74
C VAL A 135 -32.64 23.65 -12.99
N LEU A 136 -32.59 23.06 -14.19
CA LEU A 136 -33.43 21.91 -14.53
C LEU A 136 -33.12 20.62 -13.74
N THR A 137 -31.92 20.54 -13.16
CA THR A 137 -31.49 19.37 -12.35
C THR A 137 -31.45 19.64 -10.83
N SER A 138 -31.87 20.84 -10.44
CA SER A 138 -31.71 21.33 -9.05
C SER A 138 -32.55 20.59 -8.00
N LYS A 139 -33.63 19.92 -8.45
CA LYS A 139 -34.56 19.24 -7.55
C LYS A 139 -34.48 17.69 -7.60
N TYR A 140 -33.45 17.16 -8.28
CA TYR A 140 -33.33 15.71 -8.50
C TYR A 140 -33.16 14.85 -7.21
N ARG A 141 -32.53 15.42 -6.16
CA ARG A 141 -32.36 14.73 -4.87
C ARG A 141 -32.11 15.73 -3.73
N VAL B 1 -12.89 3.83 -31.41
CA VAL B 1 -14.05 4.09 -32.32
C VAL B 1 -13.91 3.37 -33.66
N HIS B 2 -15.04 3.20 -34.35
CA HIS B 2 -15.05 2.71 -35.74
C HIS B 2 -16.08 3.44 -36.61
N LEU B 3 -15.61 4.08 -37.68
CA LEU B 3 -16.48 4.81 -38.61
C LEU B 3 -17.03 3.91 -39.71
N THR B 4 -18.26 4.17 -40.15
CA THR B 4 -18.84 3.49 -41.33
C THR B 4 -18.22 4.03 -42.62
N PRO B 5 -18.38 3.34 -43.74
CA PRO B 5 -17.92 3.85 -45.03
C PRO B 5 -18.50 5.23 -45.39
N GLU B 6 -19.78 5.44 -45.08
CA GLU B 6 -20.43 6.74 -45.26
C GLU B 6 -19.84 7.85 -44.37
N GLU B 7 -19.56 7.52 -43.11
CA GLU B 7 -18.92 8.48 -42.19
C GLU B 7 -17.51 8.85 -42.68
N LYS B 8 -16.73 7.87 -43.16
CA LYS B 8 -15.37 8.12 -43.68
C LYS B 8 -15.37 9.07 -44.90
N SER B 9 -16.28 8.84 -45.85
CA SER B 9 -16.42 9.70 -47.02
C SER B 9 -16.75 11.15 -46.64
N ALA B 10 -17.67 11.31 -45.68
CA ALA B 10 -18.05 12.65 -45.19
C ALA B 10 -16.87 13.40 -44.56
N VAL B 11 -16.05 12.70 -43.77
CA VAL B 11 -14.87 13.31 -43.12
C VAL B 11 -13.86 13.80 -44.17
N THR B 12 -13.50 12.92 -45.11
CA THR B 12 -12.48 13.28 -46.12
C THR B 12 -12.93 14.37 -47.11
N ALA B 13 -14.21 14.37 -47.50
CA ALA B 13 -14.76 15.39 -48.41
C ALA B 13 -14.70 16.79 -47.81
N LEU B 14 -15.09 16.93 -46.55
CA LEU B 14 -15.02 18.22 -45.87
C LEU B 14 -13.57 18.66 -45.61
N TRP B 15 -12.70 17.73 -45.20
CA TRP B 15 -11.34 18.10 -44.81
C TRP B 15 -10.51 18.64 -46.00
N GLY B 16 -10.83 18.17 -47.21
CA GLY B 16 -10.14 18.64 -48.41
C GLY B 16 -10.37 20.13 -48.70
N LYS B 17 -11.37 20.72 -48.03
CA LYS B 17 -11.72 22.14 -48.14
C LYS B 17 -11.29 22.97 -46.92
N VAL B 18 -10.64 22.33 -45.95
CA VAL B 18 -10.23 23.03 -44.71
C VAL B 18 -8.89 23.78 -44.83
N ASN B 19 -8.88 25.04 -44.42
CA ASN B 19 -7.64 25.80 -44.24
C ASN B 19 -7.12 25.50 -42.83
N VAL B 20 -6.12 24.62 -42.75
CA VAL B 20 -5.62 24.10 -41.47
C VAL B 20 -5.00 25.23 -40.63
N ASP B 21 -4.34 26.19 -41.30
CA ASP B 21 -3.75 27.38 -40.63
C ASP B 21 -4.80 28.20 -39.87
N GLU B 22 -5.84 28.64 -40.57
CA GLU B 22 -6.93 29.43 -40.00
C GLU B 22 -7.69 28.65 -38.91
N VAL B 23 -8.13 27.44 -39.23
CA VAL B 23 -8.96 26.66 -38.29
C VAL B 23 -8.17 26.30 -37.01
N GLY B 24 -6.87 26.00 -37.13
CA GLY B 24 -6.04 25.69 -35.98
C GLY B 24 -5.88 26.85 -35.00
N GLY B 25 -5.60 28.03 -35.55
CA GLY B 25 -5.47 29.26 -34.77
C GLY B 25 -6.76 29.63 -34.05
N GLU B 26 -7.87 29.49 -34.76
CA GLU B 26 -9.20 29.82 -34.25
C GLU B 26 -9.65 28.86 -33.13
N ALA B 27 -9.38 27.55 -33.34
CA ALA B 27 -9.74 26.54 -32.32
C ALA B 27 -8.95 26.68 -31.02
N LEU B 28 -7.62 26.86 -31.10
CA LEU B 28 -6.84 27.05 -29.86
C LEU B 28 -7.19 28.38 -29.15
N GLY B 29 -7.37 29.44 -29.92
CA GLY B 29 -7.76 30.72 -29.33
C GLY B 29 -9.11 30.65 -28.60
N ARG B 30 -10.14 30.06 -29.24
CA ARG B 30 -11.43 29.92 -28.56
C ARG B 30 -11.37 28.98 -27.31
N LEU B 31 -10.51 27.95 -27.31
CA LEU B 31 -10.30 27.14 -26.08
C LEU B 31 -9.87 28.05 -24.91
N LEU B 32 -8.93 28.96 -25.17
CA LEU B 32 -8.38 29.82 -24.11
C LEU B 32 -9.36 30.94 -23.65
N VAL B 33 -10.26 31.36 -24.55
CA VAL B 33 -11.29 32.37 -24.24
C VAL B 33 -12.51 31.76 -23.48
N VAL B 34 -13.01 30.62 -23.99
CA VAL B 34 -14.24 30.00 -23.47
C VAL B 34 -14.00 29.21 -22.15
N TYR B 35 -12.83 28.57 -22.02
CA TYR B 35 -12.43 27.76 -20.84
C TYR B 35 -11.11 28.34 -20.30
N PRO B 36 -11.15 29.52 -19.67
CA PRO B 36 -9.89 30.27 -19.44
C PRO B 36 -8.86 29.61 -18.49
N TRP B 37 -9.28 28.63 -17.70
CA TRP B 37 -8.33 27.85 -16.90
C TRP B 37 -7.26 27.11 -17.73
N THR B 38 -7.55 26.85 -19.03
CA THR B 38 -6.58 26.19 -19.93
C THR B 38 -5.36 27.06 -20.26
N GLN B 39 -5.43 28.37 -19.95
CA GLN B 39 -4.26 29.26 -20.09
C GLN B 39 -3.06 28.88 -19.21
N ARG B 40 -3.28 28.02 -18.20
CA ARG B 40 -2.23 27.58 -17.24
C ARG B 40 -0.96 26.99 -17.90
N PHE B 41 -1.10 26.46 -19.12
CA PHE B 41 0.01 25.82 -19.84
C PHE B 41 0.83 26.80 -20.70
N PHE B 42 0.35 28.04 -20.80
CA PHE B 42 0.85 29.01 -21.80
C PHE B 42 1.38 30.33 -21.18
N GLU B 43 1.94 30.26 -19.96
CA GLU B 43 2.53 31.41 -19.26
C GLU B 43 3.55 32.20 -20.11
N SER B 44 4.35 31.49 -20.91
CA SER B 44 5.42 32.09 -21.74
C SER B 44 4.94 32.80 -23.02
N PHE B 45 3.63 32.75 -23.32
CA PHE B 45 3.10 33.22 -24.60
C PHE B 45 2.80 34.73 -24.60
N GLY B 46 2.86 35.39 -23.44
CA GLY B 46 2.61 36.82 -23.38
C GLY B 46 1.17 37.20 -23.04
N ASP B 47 0.66 38.25 -23.68
CA ASP B 47 -0.67 38.80 -23.35
C ASP B 47 -1.81 37.88 -23.77
N LEU B 48 -2.53 37.36 -22.75
CA LEU B 48 -3.74 36.54 -22.91
C LEU B 48 -4.97 37.12 -22.14
N SER B 49 -4.98 38.45 -21.96
CA SER B 49 -5.89 39.08 -20.99
C SER B 49 -7.28 39.55 -21.49
N THR B 50 -7.48 39.57 -22.81
CA THR B 50 -8.76 39.91 -23.46
C THR B 50 -8.98 38.96 -24.66
N PRO B 51 -10.23 38.83 -25.17
CA PRO B 51 -10.44 37.98 -26.34
C PRO B 51 -9.57 38.37 -27.56
N ASP B 52 -9.45 39.66 -27.89
CA ASP B 52 -8.65 40.08 -29.04
C ASP B 52 -7.16 39.84 -28.85
N ALA B 53 -6.66 40.01 -27.61
CA ALA B 53 -5.26 39.70 -27.29
C ALA B 53 -4.95 38.20 -27.52
N VAL B 54 -5.85 37.33 -27.08
CA VAL B 54 -5.70 35.88 -27.27
C VAL B 54 -5.75 35.52 -28.78
N MET B 55 -6.82 35.94 -29.47
CA MET B 55 -6.99 35.54 -30.88
C MET B 55 -5.87 36.05 -31.81
N GLY B 56 -5.32 37.23 -31.52
CA GLY B 56 -4.24 37.80 -32.32
C GLY B 56 -2.81 37.50 -31.88
N ASN B 57 -2.65 36.76 -30.79
CA ASN B 57 -1.30 36.44 -30.26
C ASN B 57 -0.52 35.52 -31.25
N PRO B 58 0.64 35.93 -31.74
CA PRO B 58 1.36 35.12 -32.75
C PRO B 58 1.73 33.71 -32.26
N LYS B 59 2.04 33.57 -30.98
CA LYS B 59 2.35 32.25 -30.40
C LYS B 59 1.13 31.32 -30.30
N VAL B 60 -0.05 31.88 -29.99
CA VAL B 60 -1.30 31.11 -30.03
C VAL B 60 -1.58 30.60 -31.46
N LYS B 61 -1.43 31.48 -32.44
CA LYS B 61 -1.68 31.10 -33.84
C LYS B 61 -0.71 30.02 -34.32
N ALA B 62 0.58 30.19 -34.01
CA ALA B 62 1.60 29.21 -34.42
C ALA B 62 1.37 27.82 -33.77
N HIS B 63 1.03 27.79 -32.49
CA HIS B 63 0.78 26.51 -31.79
C HIS B 63 -0.50 25.83 -32.28
N GLY B 64 -1.56 26.61 -32.54
CA GLY B 64 -2.79 26.05 -33.12
C GLY B 64 -2.58 25.39 -34.47
N LYS B 65 -1.78 26.02 -35.34
CA LYS B 65 -1.41 25.44 -36.64
C LYS B 65 -0.63 24.12 -36.46
N LYS B 66 0.32 24.07 -35.51
CA LYS B 66 1.09 22.85 -35.21
C LYS B 66 0.21 21.68 -34.70
N VAL B 67 -0.66 21.97 -33.73
CA VAL B 67 -1.56 20.96 -33.18
C VAL B 67 -2.51 20.40 -34.26
N LEU B 68 -3.13 21.29 -35.03
CA LEU B 68 -4.06 20.86 -36.07
C LEU B 68 -3.39 20.13 -37.24
N GLY B 69 -2.11 20.44 -37.51
CA GLY B 69 -1.32 19.67 -38.48
C GLY B 69 -1.16 18.21 -38.07
N ALA B 70 -0.85 17.96 -36.79
CA ALA B 70 -0.76 16.58 -36.29
C ALA B 70 -2.12 15.85 -36.32
N PHE B 71 -3.19 16.57 -35.97
CA PHE B 71 -4.56 16.04 -36.12
C PHE B 71 -4.84 15.61 -37.58
N SER B 72 -4.51 16.50 -38.54
CA SER B 72 -4.67 16.26 -39.98
C SER B 72 -3.97 14.97 -40.45
N ASP B 73 -2.72 14.79 -40.03
CA ASP B 73 -1.95 13.59 -40.38
C ASP B 73 -2.64 12.31 -39.85
N GLY B 74 -3.25 12.40 -38.67
CA GLY B 74 -3.95 11.27 -38.07
C GLY B 74 -5.16 10.77 -38.86
N LEU B 75 -5.77 11.65 -39.65
CA LEU B 75 -6.96 11.29 -40.42
C LEU B 75 -6.69 10.25 -41.51
N ALA B 76 -5.41 10.01 -41.80
CA ALA B 76 -5.03 8.97 -42.76
C ALA B 76 -4.94 7.59 -42.10
N HIS B 77 -5.18 7.55 -40.79
CA HIS B 77 -5.02 6.32 -39.99
C HIS B 77 -6.21 6.03 -39.06
N LEU B 78 -7.44 6.21 -39.58
CA LEU B 78 -8.67 6.13 -38.75
C LEU B 78 -8.91 4.77 -38.05
N ASP B 79 -8.42 3.69 -38.63
CA ASP B 79 -8.57 2.36 -38.03
C ASP B 79 -7.46 2.01 -37.00
N ASN B 80 -6.52 2.95 -36.78
CA ASN B 80 -5.35 2.76 -35.90
C ASN B 80 -4.94 4.04 -35.11
N LEU B 81 -5.90 4.73 -34.53
CA LEU B 81 -5.60 5.98 -33.82
C LEU B 81 -4.70 5.82 -32.59
N LYS B 82 -4.89 4.75 -31.81
CA LYS B 82 -4.11 4.53 -30.61
C LYS B 82 -2.62 4.30 -30.91
N GLY B 83 -2.33 3.47 -31.92
CA GLY B 83 -0.95 3.31 -32.38
C GLY B 83 -0.32 4.60 -32.96
N THR B 84 -1.07 5.29 -33.81
CA THR B 84 -0.63 6.56 -34.44
C THR B 84 -0.20 7.62 -33.40
N PHE B 85 -0.98 7.77 -32.32
CA PHE B 85 -0.76 8.84 -31.31
C PHE B 85 -0.01 8.40 -30.03
N ALA B 86 0.44 7.14 -29.98
CA ALA B 86 1.09 6.62 -28.78
C ALA B 86 2.31 7.42 -28.30
N THR B 87 3.23 7.79 -29.23
CA THR B 87 4.41 8.57 -28.83
C THR B 87 4.04 9.96 -28.30
N LEU B 88 3.08 10.61 -28.94
CA LEU B 88 2.57 11.92 -28.49
C LEU B 88 1.86 11.86 -27.14
N SER B 89 1.14 10.76 -26.88
CA SER B 89 0.45 10.54 -25.60
C SER B 89 1.46 10.49 -24.45
N GLU B 90 2.49 9.66 -24.64
CA GLU B 90 3.63 9.55 -23.76
C GLU B 90 4.26 10.90 -23.41
N LEU B 91 4.48 11.73 -24.43
CA LEU B 91 5.07 13.05 -24.27
C LEU B 91 4.18 14.01 -23.45
N HIS B 92 2.88 14.08 -23.78
CA HIS B 92 1.97 14.96 -23.03
C HIS B 92 1.84 14.55 -21.54
N CYS B 93 1.95 13.25 -21.22
CA CYS B 93 1.95 12.79 -19.82
C CYS B 93 3.28 13.08 -19.07
N ASP B 94 4.38 12.58 -19.63
CA ASP B 94 5.68 12.55 -18.92
C ASP B 94 6.42 13.89 -18.91
N LYS B 95 6.37 14.64 -20.00
CA LYS B 95 7.08 15.90 -20.11
C LYS B 95 6.21 17.14 -19.87
N LEU B 96 5.00 17.15 -20.43
CA LEU B 96 4.15 18.36 -20.43
C LEU B 96 3.12 18.43 -19.29
N HIS B 97 2.81 17.28 -18.66
CA HIS B 97 1.86 17.21 -17.55
C HIS B 97 0.49 17.84 -17.86
N VAL B 98 -0.05 17.51 -19.04
CA VAL B 98 -1.35 18.02 -19.50
C VAL B 98 -2.50 17.03 -19.19
N ASP B 99 -3.46 17.44 -18.33
CA ASP B 99 -4.67 16.63 -18.04
C ASP B 99 -5.40 16.30 -19.36
N PRO B 100 -5.67 15.02 -19.69
CA PRO B 100 -6.39 14.72 -20.96
C PRO B 100 -7.80 15.31 -21.14
N GLU B 101 -8.47 15.77 -20.09
CA GLU B 101 -9.75 16.47 -20.29
C GLU B 101 -9.57 17.66 -21.26
N ASN B 102 -8.38 18.27 -21.24
CA ASN B 102 -8.07 19.34 -22.22
C ASN B 102 -8.28 18.93 -23.71
N PHE B 103 -7.94 17.67 -24.06
CA PHE B 103 -8.15 17.18 -25.43
C PHE B 103 -9.64 17.07 -25.80
N ARG B 104 -10.48 16.73 -24.82
CA ARG B 104 -11.94 16.62 -25.05
C ARG B 104 -12.55 18.04 -25.24
N LEU B 105 -12.09 19.01 -24.43
CA LEU B 105 -12.54 20.40 -24.60
C LEU B 105 -12.12 20.96 -25.98
N LEU B 106 -10.89 20.69 -26.42
CA LEU B 106 -10.45 21.17 -27.75
C LEU B 106 -11.28 20.55 -28.88
N GLY B 107 -11.60 19.26 -28.75
CA GLY B 107 -12.46 18.61 -29.75
C GLY B 107 -13.83 19.25 -29.90
N ASN B 108 -14.47 19.62 -28.79
CA ASN B 108 -15.75 20.31 -28.85
C ASN B 108 -15.67 21.70 -29.48
N VAL B 109 -14.63 22.46 -29.12
CA VAL B 109 -14.40 23.77 -29.75
C VAL B 109 -14.15 23.67 -31.27
N LEU B 110 -13.34 22.67 -31.69
CA LEU B 110 -13.12 22.41 -33.12
C LEU B 110 -14.43 22.16 -33.89
N VAL B 111 -15.34 21.34 -33.33
CA VAL B 111 -16.66 21.11 -33.97
C VAL B 111 -17.43 22.46 -34.13
N CYS B 112 -17.39 23.31 -33.10
CA CYS B 112 -18.03 24.64 -33.17
C CYS B 112 -17.41 25.54 -34.28
N VAL B 113 -16.08 25.47 -34.45
CA VAL B 113 -15.36 26.27 -35.48
C VAL B 113 -15.73 25.79 -36.90
N LEU B 114 -15.80 24.46 -37.10
CA LEU B 114 -16.20 23.92 -38.41
C LEU B 114 -17.65 24.32 -38.77
N ALA B 115 -18.56 24.23 -37.81
CA ALA B 115 -19.95 24.70 -38.02
C ALA B 115 -20.04 26.20 -38.37
N HIS B 116 -19.29 27.03 -37.62
CA HIS B 116 -19.24 28.48 -37.89
C HIS B 116 -18.75 28.82 -39.32
N HIS B 117 -17.68 28.16 -39.76
CA HIS B 117 -17.11 28.34 -41.10
C HIS B 117 -18.00 27.83 -42.24
N PHE B 118 -18.50 26.61 -42.12
CA PHE B 118 -19.20 25.94 -43.25
C PHE B 118 -20.72 26.17 -43.30
N GLY B 119 -21.33 26.61 -42.21
CA GLY B 119 -22.76 26.87 -42.18
C GLY B 119 -23.62 25.64 -42.50
N LYS B 120 -24.59 25.80 -43.39
CA LYS B 120 -25.54 24.72 -43.76
C LYS B 120 -24.83 23.45 -44.30
N GLU B 121 -23.66 23.60 -44.91
CA GLU B 121 -22.84 22.45 -45.36
C GLU B 121 -22.44 21.47 -44.22
N PHE B 122 -22.35 21.97 -42.97
CA PHE B 122 -22.01 21.12 -41.81
C PHE B 122 -23.31 20.51 -41.26
N THR B 123 -23.88 19.56 -42.02
CA THR B 123 -25.17 18.94 -41.70
C THR B 123 -25.12 18.04 -40.43
N PRO B 124 -26.28 17.68 -39.86
CA PRO B 124 -26.26 16.72 -38.74
C PRO B 124 -25.47 15.38 -38.99
N PRO B 125 -25.63 14.68 -40.11
CA PRO B 125 -24.76 13.52 -40.38
C PRO B 125 -23.25 13.83 -40.46
N VAL B 126 -22.86 14.97 -41.06
CA VAL B 126 -21.44 15.36 -41.11
C VAL B 126 -20.88 15.63 -39.69
N GLN B 127 -21.64 16.35 -38.87
CA GLN B 127 -21.28 16.56 -37.46
C GLN B 127 -21.08 15.23 -36.72
N ALA B 128 -22.00 14.28 -36.91
CA ALA B 128 -21.93 12.99 -36.19
C ALA B 128 -20.62 12.24 -36.51
N ALA B 129 -20.22 12.24 -37.78
CA ALA B 129 -18.93 11.66 -38.18
C ALA B 129 -17.72 12.35 -37.49
N TYR B 130 -17.69 13.69 -37.49
CA TYR B 130 -16.66 14.47 -36.79
C TYR B 130 -16.67 14.26 -35.26
N GLN B 131 -17.84 14.02 -34.65
CA GLN B 131 -17.89 13.73 -33.22
C GLN B 131 -17.19 12.41 -32.88
N LYS B 132 -17.40 11.40 -33.73
CA LYS B 132 -16.68 10.13 -33.58
C LYS B 132 -15.15 10.34 -33.67
N VAL B 133 -14.70 11.12 -34.66
CA VAL B 133 -13.27 11.40 -34.85
C VAL B 133 -12.62 12.12 -33.64
N VAL B 134 -13.21 13.21 -33.16
CA VAL B 134 -12.58 13.95 -32.06
C VAL B 134 -12.58 13.14 -30.74
N ALA B 135 -13.62 12.33 -30.52
CA ALA B 135 -13.63 11.42 -29.37
C ALA B 135 -12.50 10.37 -29.47
N GLY B 136 -12.31 9.83 -30.69
CA GLY B 136 -11.25 8.86 -30.96
C GLY B 136 -9.85 9.41 -30.77
N VAL B 137 -9.61 10.62 -31.29
CA VAL B 137 -8.32 11.30 -31.10
C VAL B 137 -8.03 11.66 -29.61
N ALA B 138 -9.03 12.19 -28.88
CA ALA B 138 -8.86 12.43 -27.45
C ALA B 138 -8.56 11.15 -26.67
N ASN B 139 -9.27 10.06 -26.98
CA ASN B 139 -9.02 8.78 -26.29
C ASN B 139 -7.62 8.23 -26.58
N ALA B 140 -7.17 8.37 -27.84
CA ALA B 140 -5.82 7.92 -28.22
C ALA B 140 -4.73 8.75 -27.51
N LEU B 141 -4.91 10.08 -27.43
CA LEU B 141 -3.95 10.91 -26.70
C LEU B 141 -3.93 10.67 -25.17
N ALA B 142 -5.03 10.15 -24.63
CA ALA B 142 -5.13 9.82 -23.20
C ALA B 142 -4.57 8.43 -22.84
N HIS B 143 -4.36 7.58 -23.86
CA HIS B 143 -4.19 6.14 -23.61
C HIS B 143 -2.90 5.69 -22.88
N LYS B 144 -1.80 6.42 -23.06
CA LYS B 144 -0.52 6.07 -22.40
C LYS B 144 -0.32 6.69 -21.00
N TYR B 145 -1.32 7.41 -20.49
CA TYR B 145 -1.18 8.04 -19.15
C TYR B 145 -1.07 6.98 -18.03
N HIS B 146 -0.16 7.24 -17.09
CA HIS B 146 0.18 6.28 -16.04
C HIS B 146 0.63 7.02 -14.80
N VAL C 1 -30.05 21.13 -2.77
CA VAL C 1 -30.00 21.80 -1.42
C VAL C 1 -29.88 20.74 -0.32
N LEU C 2 -29.12 21.05 0.73
CA LEU C 2 -28.98 20.16 1.88
C LEU C 2 -30.16 20.31 2.83
N SER C 3 -30.84 19.21 3.13
CA SER C 3 -32.00 19.20 4.03
C SER C 3 -31.54 19.19 5.51
N PRO C 4 -32.45 19.49 6.45
CA PRO C 4 -32.14 19.29 7.89
C PRO C 4 -31.57 17.90 8.23
N ALA C 5 -32.18 16.82 7.72
CA ALA C 5 -31.62 15.47 7.90
C ALA C 5 -30.22 15.29 7.28
N ASP C 6 -30.00 15.89 6.09
CA ASP C 6 -28.67 15.81 5.47
C ASP C 6 -27.60 16.41 6.42
N LYS C 7 -27.92 17.57 6.99
CA LYS C 7 -26.98 18.27 7.87
C LYS C 7 -26.69 17.48 9.17
N THR C 8 -27.73 16.89 9.76
CA THR C 8 -27.59 15.98 10.90
C THR C 8 -26.69 14.77 10.61
N ASN C 9 -26.95 14.12 9.47
CA ASN C 9 -26.14 12.98 9.05
C ASN C 9 -24.65 13.30 8.83
N VAL C 10 -24.38 14.42 8.14
CA VAL C 10 -22.99 14.86 7.88
C VAL C 10 -22.22 15.19 9.18
N LYS C 11 -22.88 15.93 10.07
CA LYS C 11 -22.27 16.28 11.36
C LYS C 11 -21.97 15.04 12.23
N ALA C 12 -22.88 14.07 12.25
CA ALA C 12 -22.65 12.81 12.96
C ALA C 12 -21.50 11.97 12.39
N ALA C 13 -21.46 11.82 11.06
CA ALA C 13 -20.40 11.03 10.44
C ALA C 13 -19.02 11.69 10.60
N TRP C 14 -18.94 12.99 10.28
CA TRP C 14 -17.66 13.70 10.42
C TRP C 14 -17.20 13.80 11.89
N GLY C 15 -18.16 13.85 12.81
CA GLY C 15 -17.87 13.77 14.24
C GLY C 15 -17.18 12.49 14.67
N LYS C 16 -17.64 11.35 14.12
CA LYS C 16 -17.02 10.05 14.41
C LYS C 16 -15.62 9.91 13.85
N VAL C 17 -15.35 10.57 12.71
CA VAL C 17 -14.01 10.63 12.14
C VAL C 17 -13.04 11.30 13.14
N GLY C 18 -13.50 12.38 13.76
CA GLY C 18 -12.76 13.07 14.82
C GLY C 18 -11.31 13.35 14.51
N ALA C 19 -10.42 12.90 15.40
CA ALA C 19 -8.99 13.18 15.32
C ALA C 19 -8.27 12.43 14.21
N HIS C 20 -9.00 11.55 13.49
CA HIS C 20 -8.42 10.79 12.39
C HIS C 20 -8.58 11.49 11.04
N ALA C 21 -9.18 12.69 11.05
CA ALA C 21 -9.47 13.43 9.82
C ALA C 21 -8.26 13.60 8.88
N GLY C 22 -7.13 14.04 9.42
CA GLY C 22 -5.91 14.16 8.65
C GLY C 22 -5.39 12.89 7.98
N GLU C 23 -5.38 11.77 8.72
CA GLU C 23 -4.95 10.47 8.19
C GLU C 23 -5.85 10.04 7.04
N TYR C 24 -7.15 10.25 7.22
CA TYR C 24 -8.13 9.87 6.18
C TYR C 24 -7.97 10.74 4.93
N GLY C 25 -7.62 12.03 5.11
CA GLY C 25 -7.34 12.90 3.97
C GLY C 25 -6.20 12.40 3.08
N ALA C 26 -5.09 11.97 3.69
CA ALA C 26 -3.94 11.43 2.96
C ALA C 26 -4.27 10.09 2.25
N GLU C 27 -5.06 9.25 2.91
CA GLU C 27 -5.49 7.96 2.33
C GLU C 27 -6.38 8.17 1.10
N ALA C 28 -7.31 9.11 1.19
CA ALA C 28 -8.17 9.49 0.04
C ALA C 28 -7.37 10.01 -1.17
N LEU C 29 -6.38 10.86 -0.91
CA LEU C 29 -5.44 11.27 -1.96
C LEU C 29 -4.69 10.08 -2.61
N GLU C 30 -4.14 9.17 -1.80
CA GLU C 30 -3.41 8.01 -2.35
C GLU C 30 -4.32 7.12 -3.22
N ARG C 31 -5.55 6.93 -2.73
CA ARG C 31 -6.56 6.17 -3.48
C ARG C 31 -6.88 6.84 -4.82
N MET C 32 -6.94 8.17 -4.83
CA MET C 32 -7.19 8.91 -6.07
C MET C 32 -6.03 8.79 -7.06
N PHE C 33 -4.79 8.95 -6.58
CA PHE C 33 -3.63 8.87 -7.45
C PHE C 33 -3.44 7.49 -8.12
N LEU C 34 -3.77 6.42 -7.38
CA LEU C 34 -3.67 5.04 -7.90
C LEU C 34 -4.84 4.63 -8.83
N SER C 35 -6.06 5.03 -8.47
CA SER C 35 -7.25 4.67 -9.25
C SER C 35 -7.41 5.53 -10.53
N PHE C 36 -7.03 6.80 -10.45
CA PHE C 36 -7.25 7.81 -11.51
C PHE C 36 -5.93 8.54 -11.81
N PRO C 37 -4.98 7.87 -12.49
CA PRO C 37 -3.62 8.45 -12.66
C PRO C 37 -3.54 9.83 -13.33
N THR C 38 -4.56 10.23 -14.09
CA THR C 38 -4.54 11.57 -14.70
C THR C 38 -4.51 12.70 -13.64
N THR C 39 -5.02 12.45 -12.44
CA THR C 39 -4.98 13.45 -11.36
C THR C 39 -3.54 13.82 -10.94
N LYS C 40 -2.57 12.94 -11.22
CA LYS C 40 -1.15 13.19 -10.88
C LYS C 40 -0.51 14.35 -11.70
N THR C 41 -1.15 14.72 -12.82
CA THR C 41 -0.66 15.85 -13.63
C THR C 41 -0.60 17.18 -12.88
N TYR C 42 -1.37 17.29 -11.78
CA TYR C 42 -1.42 18.52 -10.98
C TYR C 42 -0.34 18.59 -9.88
N PHE C 43 0.39 17.47 -9.67
CA PHE C 43 1.40 17.37 -8.62
C PHE C 43 2.78 16.91 -9.16
N PRO C 44 3.31 17.53 -10.21
CA PRO C 44 4.56 17.04 -10.82
C PRO C 44 5.79 17.23 -9.91
N HIS C 45 5.63 18.11 -8.91
CA HIS C 45 6.66 18.48 -7.95
C HIS C 45 6.63 17.64 -6.66
N PHE C 46 5.65 16.75 -6.54
CA PHE C 46 5.45 15.91 -5.35
C PHE C 46 6.09 14.53 -5.49
N ASP C 47 6.67 14.03 -4.40
CA ASP C 47 6.86 12.58 -4.22
C ASP C 47 5.47 12.00 -3.87
N LEU C 48 4.97 11.08 -4.70
CA LEU C 48 3.63 10.53 -4.54
C LEU C 48 3.59 9.09 -3.99
N SER C 49 4.73 8.59 -3.54
CA SER C 49 4.81 7.23 -2.95
C SER C 49 4.05 7.13 -1.61
N HIS C 50 3.62 5.91 -1.27
CA HIS C 50 2.94 5.66 0.01
C HIS C 50 3.80 6.18 1.17
N GLY C 51 3.18 6.96 2.05
CA GLY C 51 3.84 7.51 3.23
C GLY C 51 4.66 8.78 3.05
N SER C 52 4.64 9.38 1.85
CA SER C 52 5.44 10.58 1.58
C SER C 52 5.02 11.76 2.47
N ALA C 53 6.01 12.59 2.85
CA ALA C 53 5.75 13.78 3.67
C ALA C 53 4.84 14.81 2.98
N GLN C 54 5.01 14.99 1.66
CA GLN C 54 4.20 15.97 0.91
C GLN C 54 2.71 15.56 0.88
N VAL C 55 2.45 14.27 0.69
CA VAL C 55 1.06 13.77 0.70
C VAL C 55 0.41 13.86 2.12
N LYS C 56 1.18 13.58 3.17
CA LYS C 56 0.70 13.68 4.54
C LYS C 56 0.29 15.14 4.87
N GLY C 57 1.17 16.08 4.52
CA GLY C 57 0.89 17.50 4.72
C GLY C 57 -0.31 18.01 3.95
N HIS C 58 -0.40 17.63 2.67
CA HIS C 58 -1.54 18.07 1.84
C HIS C 58 -2.88 17.49 2.35
N GLY C 59 -2.86 16.22 2.77
CA GLY C 59 -4.04 15.55 3.32
C GLY C 59 -4.62 16.21 4.56
N LYS C 60 -3.74 16.65 5.45
CA LYS C 60 -4.15 17.43 6.60
C LYS C 60 -4.88 18.77 6.24
N LYS C 61 -4.33 19.51 5.27
CA LYS C 61 -4.98 20.75 4.82
C LYS C 61 -6.38 20.52 4.19
N VAL C 62 -6.49 19.48 3.36
CA VAL C 62 -7.81 19.11 2.77
C VAL C 62 -8.83 18.76 3.86
N ALA C 63 -8.41 17.93 4.80
CA ALA C 63 -9.27 17.54 5.92
C ALA C 63 -9.75 18.73 6.77
N ASP C 64 -8.83 19.64 7.08
CA ASP C 64 -9.16 20.82 7.89
C ASP C 64 -10.15 21.77 7.15
N ALA C 65 -10.04 21.85 5.83
CA ALA C 65 -11.00 22.60 5.03
C ALA C 65 -12.40 21.97 5.08
N LEU C 66 -12.47 20.64 5.04
CA LEU C 66 -13.75 19.93 5.20
C LEU C 66 -14.37 20.13 6.59
N THR C 67 -13.53 20.12 7.63
CA THR C 67 -14.00 20.39 8.98
C THR C 67 -14.62 21.79 9.10
N ASN C 68 -13.97 22.79 8.51
CA ASN C 68 -14.53 24.15 8.43
C ASN C 68 -15.87 24.24 7.68
N ALA C 69 -15.98 23.51 6.55
CA ALA C 69 -17.23 23.45 5.80
C ALA C 69 -18.41 22.86 6.60
N VAL C 70 -18.14 21.79 7.35
CA VAL C 70 -19.15 21.16 8.23
C VAL C 70 -19.62 22.16 9.31
N ALA C 71 -18.67 22.84 9.95
CA ALA C 71 -18.96 23.87 10.96
C ALA C 71 -19.79 25.05 10.43
N HIS C 72 -19.72 25.29 9.12
CA HIS C 72 -20.41 26.41 8.48
C HIS C 72 -21.38 25.94 7.37
N VAL C 73 -22.01 24.80 7.60
CA VAL C 73 -22.84 24.14 6.59
C VAL C 73 -24.06 24.97 6.07
N ASP C 74 -24.52 25.94 6.86
CA ASP C 74 -25.62 26.83 6.45
C ASP C 74 -25.17 27.88 5.43
N ASP C 75 -23.87 28.19 5.40
CA ASP C 75 -23.34 29.17 4.44
C ASP C 75 -21.93 28.85 3.92
N MET C 76 -21.85 27.81 3.09
CA MET C 76 -20.59 27.34 2.54
C MET C 76 -19.95 28.30 1.50
N PRO C 77 -20.72 28.98 0.63
CA PRO C 77 -20.13 29.97 -0.27
C PRO C 77 -19.25 31.02 0.43
N ASN C 78 -19.71 31.56 1.56
CA ASN C 78 -18.91 32.54 2.28
C ASN C 78 -17.74 31.94 3.07
N ALA C 79 -17.94 30.78 3.69
CA ALA C 79 -16.87 30.12 4.44
C ALA C 79 -15.69 29.69 3.55
N LEU C 80 -15.98 29.29 2.31
CA LEU C 80 -14.97 28.75 1.40
C LEU C 80 -14.50 29.76 0.32
N SER C 81 -14.83 31.04 0.49
CA SER C 81 -14.56 32.05 -0.56
C SER C 81 -13.08 32.20 -0.98
N ALA C 82 -12.17 32.22 -0.01
CA ALA C 82 -10.73 32.30 -0.28
C ALA C 82 -10.20 31.06 -1.03
N LEU C 83 -10.71 29.88 -0.65
CA LEU C 83 -10.28 28.64 -1.29
C LEU C 83 -10.82 28.52 -2.74
N SER C 84 -12.04 29.02 -2.97
CA SER C 84 -12.60 29.05 -4.33
C SER C 84 -11.81 30.04 -5.23
N ASP C 85 -11.38 31.18 -4.68
CA ASP C 85 -10.50 32.12 -5.43
C ASP C 85 -9.16 31.43 -5.83
N LEU C 86 -8.53 30.71 -4.91
CA LEU C 86 -7.27 30.03 -5.17
C LEU C 86 -7.38 28.98 -6.31
N HIS C 87 -8.44 28.15 -6.27
CA HIS C 87 -8.61 27.12 -7.31
C HIS C 87 -8.94 27.76 -8.70
N ALA C 88 -9.77 28.81 -8.72
CA ALA C 88 -10.14 29.49 -9.99
C ALA C 88 -8.99 30.25 -10.67
N HIS C 89 -8.19 30.96 -9.88
CA HIS C 89 -7.25 31.94 -10.46
C HIS C 89 -5.80 31.48 -10.54
N LYS C 90 -5.40 30.56 -9.66
CA LYS C 90 -4.03 30.05 -9.62
C LYS C 90 -3.89 28.58 -10.01
N LEU C 91 -4.45 27.68 -9.19
CA LEU C 91 -4.28 26.24 -9.40
C LEU C 91 -4.91 25.76 -10.73
N ARG C 92 -6.13 26.23 -11.01
CA ARG C 92 -6.80 26.00 -12.32
C ARG C 92 -6.98 24.50 -12.67
N VAL C 93 -7.32 23.72 -11.64
CA VAL C 93 -7.65 22.29 -11.76
C VAL C 93 -8.94 22.09 -12.57
N ASP C 94 -8.91 21.24 -13.62
CA ASP C 94 -10.15 21.08 -14.41
C ASP C 94 -11.33 20.62 -13.54
N PRO C 95 -12.50 21.28 -13.63
CA PRO C 95 -13.66 20.85 -12.82
C PRO C 95 -14.00 19.33 -12.78
N VAL C 96 -13.72 18.56 -13.84
CA VAL C 96 -14.00 17.10 -13.81
C VAL C 96 -13.32 16.31 -12.66
N ASN C 97 -12.20 16.81 -12.15
CA ASN C 97 -11.42 16.11 -11.13
C ASN C 97 -12.03 16.12 -9.73
N PHE C 98 -12.92 17.09 -9.45
CA PHE C 98 -13.53 17.20 -8.12
C PHE C 98 -14.44 15.99 -7.79
N LYS C 99 -15.14 15.44 -8.78
CA LYS C 99 -15.93 14.20 -8.60
C LYS C 99 -15.04 12.99 -8.24
N LEU C 100 -13.80 12.97 -8.73
CA LEU C 100 -12.89 11.84 -8.50
C LEU C 100 -12.38 11.84 -7.07
N LEU C 101 -11.95 13.01 -6.58
CA LEU C 101 -11.60 13.11 -5.15
C LEU C 101 -12.80 12.83 -4.24
N SER C 102 -13.98 13.33 -4.60
CA SER C 102 -15.20 13.11 -3.79
C SER C 102 -15.52 11.60 -3.61
N HIS C 103 -15.48 10.85 -4.70
CA HIS C 103 -15.68 9.38 -4.66
C HIS C 103 -14.63 8.72 -3.75
N CYS C 104 -13.37 9.13 -3.85
CA CYS C 104 -12.29 8.52 -3.03
C CYS C 104 -12.43 8.87 -1.54
N LEU C 105 -12.95 10.05 -1.22
CA LEU C 105 -13.32 10.39 0.16
C LEU C 105 -14.45 9.48 0.71
N LEU C 106 -15.50 9.26 -0.08
CA LEU C 106 -16.56 8.31 0.26
C LEU C 106 -16.04 6.86 0.52
N VAL C 107 -15.20 6.34 -0.37
CA VAL C 107 -14.62 4.99 -0.21
C VAL C 107 -13.78 4.89 1.08
N THR C 108 -12.98 5.93 1.37
CA THR C 108 -12.18 5.99 2.62
C THR C 108 -13.06 5.92 3.87
N LEU C 109 -14.12 6.72 3.92
CA LEU C 109 -15.09 6.68 5.01
C LEU C 109 -15.79 5.33 5.17
N ALA C 110 -16.18 4.71 4.06
CA ALA C 110 -16.80 3.38 4.10
C ALA C 110 -15.87 2.34 4.71
N ALA C 111 -14.57 2.44 4.43
CA ALA C 111 -13.59 1.46 4.91
C ALA C 111 -13.25 1.61 6.39
N HIS C 112 -13.60 2.76 6.96
CA HIS C 112 -13.27 3.10 8.35
C HIS C 112 -14.51 3.20 9.28
N LEU C 113 -15.72 3.21 8.71
CA LEU C 113 -16.96 3.40 9.48
C LEU C 113 -18.01 2.28 9.32
N PRO C 114 -17.74 1.08 9.86
CA PRO C 114 -18.66 -0.07 9.67
C PRO C 114 -20.11 0.20 10.14
N ALA C 115 -20.28 0.81 11.31
CA ALA C 115 -21.62 1.07 11.81
C ALA C 115 -22.31 2.33 11.25
N GLU C 116 -21.54 3.40 11.07
CA GLU C 116 -22.11 4.68 10.66
C GLU C 116 -22.45 4.87 9.15
N PHE C 117 -21.77 4.13 8.27
CA PHE C 117 -21.95 4.31 6.80
C PHE C 117 -23.20 3.58 6.27
N THR C 118 -24.39 3.98 6.75
CA THR C 118 -25.68 3.43 6.28
C THR C 118 -26.04 3.99 4.89
N PRO C 119 -27.04 3.41 4.21
CA PRO C 119 -27.55 3.97 2.94
C PRO C 119 -27.96 5.47 3.02
N ALA C 120 -28.71 5.86 4.04
CA ALA C 120 -29.11 7.27 4.20
C ALA C 120 -27.91 8.21 4.41
N VAL C 121 -26.93 7.77 5.20
CA VAL C 121 -25.73 8.58 5.47
C VAL C 121 -24.85 8.73 4.22
N HIS C 122 -24.70 7.64 3.47
CA HIS C 122 -24.06 7.61 2.13
C HIS C 122 -24.65 8.68 1.18
N ALA C 123 -25.99 8.71 1.05
CA ALA C 123 -26.65 9.72 0.21
C ALA C 123 -26.34 11.15 0.65
N SER C 124 -26.45 11.43 1.96
CA SER C 124 -26.20 12.76 2.52
C SER C 124 -24.75 13.21 2.32
N LEU C 125 -23.78 12.33 2.58
CA LEU C 125 -22.35 12.60 2.35
C LEU C 125 -22.04 12.89 0.87
N ASP C 126 -22.65 12.14 -0.06
CA ASP C 126 -22.46 12.39 -1.49
C ASP C 126 -22.99 13.79 -1.91
N LYS C 127 -24.19 14.16 -1.43
CA LYS C 127 -24.72 15.51 -1.65
C LYS C 127 -23.78 16.60 -1.10
N PHE C 128 -23.30 16.41 0.15
CA PHE C 128 -22.39 17.35 0.80
C PHE C 128 -21.11 17.56 -0.03
N LEU C 129 -20.45 16.49 -0.45
CA LEU C 129 -19.20 16.61 -1.21
C LEU C 129 -19.43 17.26 -2.60
N ALA C 130 -20.57 16.98 -3.23
CA ALA C 130 -20.93 17.66 -4.47
C ALA C 130 -21.13 19.17 -4.29
N SER C 131 -21.77 19.55 -3.18
CA SER C 131 -21.97 20.97 -2.84
C SER C 131 -20.64 21.69 -2.58
N VAL C 132 -19.74 21.05 -1.83
CA VAL C 132 -18.39 21.61 -1.63
C VAL C 132 -17.68 21.84 -2.98
N SER C 133 -17.73 20.85 -3.86
CA SER C 133 -17.10 20.88 -5.19
C SER C 133 -17.65 22.02 -6.07
N THR C 134 -18.97 22.21 -6.03
CA THR C 134 -19.67 23.30 -6.73
C THR C 134 -19.19 24.69 -6.25
N VAL C 135 -19.04 24.88 -4.93
CA VAL C 135 -18.51 26.16 -4.42
C VAL C 135 -17.08 26.37 -4.93
N LEU C 136 -16.23 25.33 -4.84
CA LEU C 136 -14.81 25.46 -5.28
C LEU C 136 -14.60 25.74 -6.79
N THR C 137 -15.61 25.47 -7.63
CA THR C 137 -15.54 25.76 -9.08
C THR C 137 -16.40 26.96 -9.54
N SER C 138 -17.04 27.65 -8.58
CA SER C 138 -18.05 28.69 -8.90
C SER C 138 -17.49 29.98 -9.52
N LYS C 139 -16.18 30.22 -9.41
CA LYS C 139 -15.54 31.46 -9.88
C LYS C 139 -14.60 31.23 -11.11
N TYR C 140 -14.70 30.06 -11.75
CA TYR C 140 -13.75 29.69 -12.82
C TYR C 140 -13.91 30.53 -14.13
N ARG C 141 -15.12 31.01 -14.42
CA ARG C 141 -15.37 31.88 -15.59
C ARG C 141 -16.61 32.77 -15.42
N VAL D 1 -9.55 -4.50 -18.91
CA VAL D 1 -9.04 -3.66 -20.04
C VAL D 1 -7.53 -3.80 -20.15
N HIS D 2 -6.83 -3.27 -19.14
CA HIS D 2 -5.38 -3.28 -19.09
C HIS D 2 -4.93 -3.73 -17.71
N LEU D 3 -5.63 -4.73 -17.16
CA LEU D 3 -5.27 -5.31 -15.87
C LEU D 3 -3.93 -6.03 -15.98
N THR D 4 -3.06 -5.80 -14.99
CA THR D 4 -1.78 -6.49 -14.91
C THR D 4 -2.02 -7.90 -14.31
N PRO D 5 -1.18 -8.88 -14.66
CA PRO D 5 -1.31 -10.22 -14.08
C PRO D 5 -1.51 -10.22 -12.55
N GLU D 6 -0.81 -9.34 -11.82
CA GLU D 6 -0.95 -9.27 -10.36
C GLU D 6 -2.28 -8.63 -9.93
N GLU D 7 -2.81 -7.76 -10.78
CA GLU D 7 -4.13 -7.19 -10.54
C GLU D 7 -5.25 -8.19 -10.81
N LYS D 8 -5.16 -8.92 -11.93
CA LYS D 8 -6.13 -9.99 -12.19
C LYS D 8 -6.16 -10.92 -10.99
N SER D 9 -4.98 -11.25 -10.48
CA SER D 9 -4.83 -12.10 -9.29
C SER D 9 -5.51 -11.53 -8.04
N ALA D 10 -5.36 -10.23 -7.82
CA ALA D 10 -5.97 -9.56 -6.66
C ALA D 10 -7.51 -9.47 -6.76
N VAL D 11 -8.03 -9.26 -7.97
CA VAL D 11 -9.49 -9.25 -8.21
C VAL D 11 -10.10 -10.62 -7.86
N THR D 12 -9.48 -11.69 -8.38
CA THR D 12 -9.98 -13.05 -8.22
C THR D 12 -9.91 -13.50 -6.74
N ALA D 13 -8.80 -13.18 -6.08
CA ALA D 13 -8.63 -13.49 -4.65
C ALA D 13 -9.72 -12.88 -3.77
N LEU D 14 -10.02 -11.59 -3.96
CA LEU D 14 -11.10 -10.96 -3.21
C LEU D 14 -12.51 -11.51 -3.56
N TRP D 15 -12.76 -11.75 -4.84
CA TRP D 15 -14.10 -12.17 -5.28
C TRP D 15 -14.46 -13.56 -4.75
N GLY D 16 -13.45 -14.41 -4.59
CA GLY D 16 -13.63 -15.72 -3.96
C GLY D 16 -14.27 -15.70 -2.57
N LYS D 17 -14.21 -14.56 -1.89
CA LYS D 17 -14.74 -14.40 -0.52
C LYS D 17 -16.09 -13.69 -0.47
N VAL D 18 -16.62 -13.30 -1.63
CA VAL D 18 -17.88 -12.54 -1.70
C VAL D 18 -19.15 -13.42 -1.76
N ASN D 19 -20.17 -13.05 -0.99
CA ASN D 19 -21.52 -13.63 -1.08
C ASN D 19 -22.27 -12.82 -2.13
N VAL D 20 -22.33 -13.36 -3.35
CA VAL D 20 -22.81 -12.60 -4.52
C VAL D 20 -24.30 -12.20 -4.39
N ASP D 21 -25.13 -13.12 -3.91
CA ASP D 21 -26.55 -12.83 -3.67
C ASP D 21 -26.74 -11.62 -2.72
N GLU D 22 -25.98 -11.59 -1.61
CA GLU D 22 -26.09 -10.53 -0.62
C GLU D 22 -25.55 -9.16 -1.11
N VAL D 23 -24.34 -9.15 -1.68
CA VAL D 23 -23.74 -7.92 -2.21
C VAL D 23 -24.57 -7.33 -3.37
N GLY D 24 -25.22 -8.18 -4.17
CA GLY D 24 -26.05 -7.71 -5.29
C GLY D 24 -27.30 -6.96 -4.86
N GLY D 25 -28.04 -7.53 -3.90
CA GLY D 25 -29.18 -6.82 -3.34
C GLY D 25 -28.80 -5.49 -2.66
N GLU D 26 -27.65 -5.48 -1.98
CA GLU D 26 -27.19 -4.27 -1.31
C GLU D 26 -26.79 -3.14 -2.31
N ALA D 27 -26.10 -3.51 -3.39
CA ALA D 27 -25.62 -2.54 -4.39
C ALA D 27 -26.77 -1.93 -5.19
N LEU D 28 -27.74 -2.75 -5.62
CA LEU D 28 -28.87 -2.21 -6.39
C LEU D 28 -29.74 -1.30 -5.51
N GLY D 29 -29.97 -1.72 -4.24
CA GLY D 29 -30.69 -0.89 -3.31
C GLY D 29 -30.05 0.48 -3.06
N ARG D 30 -28.74 0.50 -2.78
CA ARG D 30 -28.02 1.76 -2.59
C ARG D 30 -28.03 2.65 -3.85
N LEU D 31 -27.97 2.06 -5.06
CA LEU D 31 -28.14 2.86 -6.30
C LEU D 31 -29.45 3.66 -6.29
N LEU D 32 -30.54 2.99 -5.91
CA LEU D 32 -31.87 3.59 -5.94
C LEU D 32 -32.11 4.62 -4.81
N VAL D 33 -31.33 4.50 -3.71
CA VAL D 33 -31.38 5.48 -2.61
C VAL D 33 -30.50 6.74 -2.87
N VAL D 34 -29.25 6.52 -3.29
CA VAL D 34 -28.28 7.61 -3.48
C VAL D 34 -28.57 8.44 -4.76
N TYR D 35 -29.09 7.77 -5.80
CA TYR D 35 -29.36 8.37 -7.12
C TYR D 35 -30.82 8.06 -7.49
N PRO D 36 -31.79 8.68 -6.79
CA PRO D 36 -33.20 8.23 -6.86
C PRO D 36 -33.89 8.31 -8.24
N TRP D 37 -33.33 9.09 -9.19
CA TRP D 37 -33.85 9.09 -10.57
C TRP D 37 -33.77 7.70 -11.27
N THR D 38 -32.85 6.84 -10.81
CA THR D 38 -32.71 5.45 -11.35
C THR D 38 -33.93 4.57 -11.06
N GLN D 39 -34.79 5.01 -10.13
CA GLN D 39 -36.07 4.32 -9.87
C GLN D 39 -37.03 4.27 -11.09
N ARG D 40 -36.76 5.08 -12.14
CA ARG D 40 -37.63 5.21 -13.31
C ARG D 40 -37.90 3.90 -14.07
N PHE D 41 -36.96 2.94 -13.96
CA PHE D 41 -37.06 1.63 -14.63
C PHE D 41 -37.87 0.58 -13.84
N PHE D 42 -38.29 0.92 -12.62
CA PHE D 42 -38.76 -0.07 -11.63
C PHE D 42 -40.15 0.23 -11.01
N GLU D 43 -41.02 0.91 -11.78
CA GLU D 43 -42.37 1.23 -11.29
C GLU D 43 -43.18 0.01 -10.83
N SER D 44 -42.97 -1.13 -11.51
CA SER D 44 -43.66 -2.38 -11.16
C SER D 44 -43.21 -3.02 -9.83
N PHE D 45 -42.14 -2.51 -9.22
CA PHE D 45 -41.57 -3.10 -7.99
C PHE D 45 -42.27 -2.67 -6.67
N GLY D 46 -43.23 -1.76 -6.75
CA GLY D 46 -44.00 -1.33 -5.58
C GLY D 46 -43.38 -0.19 -4.78
N ASP D 47 -43.39 -0.32 -3.46
CA ASP D 47 -42.98 0.74 -2.52
C ASP D 47 -41.47 1.05 -2.54
N LEU D 48 -41.13 2.25 -3.01
CA LEU D 48 -39.74 2.75 -3.01
C LEU D 48 -39.60 4.14 -2.33
N SER D 49 -40.50 4.41 -1.36
CA SER D 49 -40.70 5.78 -0.84
C SER D 49 -39.71 6.30 0.23
N THR D 50 -38.99 5.39 0.90
CA THR D 50 -37.98 5.71 1.94
C THR D 50 -36.74 4.80 1.77
N PRO D 51 -35.60 5.13 2.39
CA PRO D 51 -34.44 4.23 2.31
C PRO D 51 -34.76 2.78 2.76
N ASP D 52 -35.45 2.58 3.89
CA ASP D 52 -35.82 1.21 4.31
C ASP D 52 -36.78 0.51 3.35
N ALA D 53 -37.73 1.26 2.79
CA ALA D 53 -38.64 0.67 1.78
C ALA D 53 -37.90 0.15 0.55
N VAL D 54 -36.88 0.89 0.08
CA VAL D 54 -36.02 0.40 -1.00
C VAL D 54 -35.15 -0.81 -0.62
N MET D 55 -34.33 -0.68 0.44
CA MET D 55 -33.32 -1.69 0.78
C MET D 55 -33.95 -3.07 1.11
N GLY D 56 -35.09 -3.08 1.80
CA GLY D 56 -35.77 -4.34 2.09
C GLY D 56 -36.85 -4.78 1.09
N ASN D 57 -37.05 -4.05 -0.01
CA ASN D 57 -38.00 -4.46 -1.06
C ASN D 57 -37.64 -5.84 -1.66
N PRO D 58 -38.50 -6.88 -1.52
CA PRO D 58 -38.15 -8.22 -2.04
C PRO D 58 -37.87 -8.28 -3.58
N LYS D 59 -38.53 -7.44 -4.36
CA LYS D 59 -38.28 -7.39 -5.81
C LYS D 59 -36.94 -6.71 -6.12
N VAL D 60 -36.56 -5.71 -5.32
CA VAL D 60 -35.21 -5.11 -5.44
C VAL D 60 -34.12 -6.14 -5.13
N LYS D 61 -34.27 -6.90 -4.03
CA LYS D 61 -33.29 -7.92 -3.63
C LYS D 61 -33.17 -9.02 -4.70
N ALA D 62 -34.30 -9.47 -5.25
CA ALA D 62 -34.31 -10.50 -6.30
C ALA D 62 -33.64 -10.04 -7.59
N HIS D 63 -33.90 -8.80 -8.01
CA HIS D 63 -33.21 -8.28 -9.21
C HIS D 63 -31.71 -8.06 -9.00
N GLY D 64 -31.30 -7.60 -7.82
CA GLY D 64 -29.89 -7.46 -7.52
C GLY D 64 -29.11 -8.77 -7.59
N LYS D 65 -29.73 -9.87 -7.15
CA LYS D 65 -29.17 -11.22 -7.30
C LYS D 65 -28.93 -11.62 -8.78
N LYS D 66 -29.90 -11.33 -9.63
CA LYS D 66 -29.78 -11.59 -11.06
C LYS D 66 -28.66 -10.76 -11.75
N VAL D 67 -28.63 -9.47 -11.46
CA VAL D 67 -27.66 -8.55 -12.05
C VAL D 67 -26.21 -8.90 -11.61
N LEU D 68 -26.00 -9.09 -10.31
CA LEU D 68 -24.63 -9.37 -9.82
C LEU D 68 -24.16 -10.80 -10.15
N GLY D 69 -25.12 -11.71 -10.33
CA GLY D 69 -24.82 -13.06 -10.83
C GLY D 69 -24.18 -13.05 -12.21
N ALA D 70 -24.75 -12.26 -13.12
CA ALA D 70 -24.19 -12.08 -14.47
C ALA D 70 -22.83 -11.34 -14.45
N PHE D 71 -22.68 -10.35 -13.57
CA PHE D 71 -21.37 -9.68 -13.36
C PHE D 71 -20.31 -10.70 -12.90
N SER D 72 -20.65 -11.49 -11.87
CA SER D 72 -19.76 -12.53 -11.32
C SER D 72 -19.28 -13.52 -12.38
N ASP D 73 -20.21 -14.00 -13.22
CA ASP D 73 -19.85 -14.97 -14.28
C ASP D 73 -18.81 -14.36 -15.24
N GLY D 74 -18.96 -13.07 -15.56
CA GLY D 74 -18.07 -12.40 -16.49
C GLY D 74 -16.64 -12.18 -16.00
N LEU D 75 -16.46 -12.12 -14.69
CA LEU D 75 -15.12 -12.00 -14.06
C LEU D 75 -14.19 -13.16 -14.36
N ALA D 76 -14.76 -14.28 -14.83
CA ALA D 76 -13.96 -15.43 -15.23
C ALA D 76 -13.37 -15.28 -16.63
N HIS D 77 -13.76 -14.24 -17.37
CA HIS D 77 -13.43 -14.15 -18.81
C HIS D 77 -12.87 -12.80 -19.23
N LEU D 78 -11.64 -12.49 -18.78
CA LEU D 78 -11.11 -11.12 -18.86
C LEU D 78 -10.45 -10.70 -20.19
N ASP D 79 -10.19 -11.65 -21.09
CA ASP D 79 -9.50 -11.33 -22.36
C ASP D 79 -10.33 -10.48 -23.34
N ASN D 80 -11.64 -10.72 -23.41
CA ASN D 80 -12.54 -9.99 -24.32
C ASN D 80 -13.93 -9.76 -23.71
N LEU D 81 -14.01 -8.81 -22.77
CA LEU D 81 -15.29 -8.47 -22.11
C LEU D 81 -16.38 -7.96 -23.05
N LYS D 82 -15.98 -7.21 -24.08
CA LYS D 82 -16.91 -6.78 -25.13
C LYS D 82 -17.65 -7.97 -25.75
N GLY D 83 -16.92 -9.04 -26.08
CA GLY D 83 -17.55 -10.24 -26.63
C GLY D 83 -18.41 -10.99 -25.60
N THR D 84 -17.91 -11.08 -24.36
CA THR D 84 -18.63 -11.77 -23.28
C THR D 84 -20.01 -11.15 -22.97
N PHE D 85 -20.08 -9.81 -22.96
CA PHE D 85 -21.32 -9.09 -22.63
C PHE D 85 -22.14 -8.60 -23.86
N ALA D 86 -21.81 -9.02 -25.08
CA ALA D 86 -22.49 -8.56 -26.29
C ALA D 86 -24.01 -8.80 -26.29
N THR D 87 -24.45 -10.01 -25.92
CA THR D 87 -25.87 -10.35 -25.92
C THR D 87 -26.64 -9.44 -24.96
N LEU D 88 -26.09 -9.24 -23.75
CA LEU D 88 -26.71 -8.36 -22.75
C LEU D 88 -26.69 -6.85 -23.16
N SER D 89 -25.65 -6.42 -23.88
CA SER D 89 -25.58 -5.04 -24.41
C SER D 89 -26.75 -4.78 -25.37
N GLU D 90 -26.92 -5.71 -26.33
CA GLU D 90 -28.03 -5.65 -27.30
C GLU D 90 -29.40 -5.61 -26.61
N LEU D 91 -29.61 -6.43 -25.59
CA LEU D 91 -30.88 -6.43 -24.84
C LEU D 91 -31.14 -5.10 -24.13
N HIS D 92 -30.13 -4.55 -23.47
CA HIS D 92 -30.32 -3.31 -22.68
C HIS D 92 -30.59 -2.10 -23.62
N CYS D 93 -30.01 -2.10 -24.83
CA CYS D 93 -30.26 -1.04 -25.82
C CYS D 93 -31.61 -1.23 -26.53
N ASP D 94 -31.84 -2.39 -27.11
CA ASP D 94 -32.94 -2.55 -28.08
C ASP D 94 -34.30 -2.92 -27.46
N LYS D 95 -34.28 -3.56 -26.28
CA LYS D 95 -35.50 -3.96 -25.57
C LYS D 95 -35.79 -3.10 -24.31
N LEU D 96 -34.76 -2.86 -23.48
CA LEU D 96 -34.97 -2.22 -22.18
C LEU D 96 -34.81 -0.68 -22.20
N HIS D 97 -34.13 -0.13 -23.21
CA HIS D 97 -33.91 1.33 -23.33
C HIS D 97 -33.25 1.97 -22.07
N VAL D 98 -32.16 1.35 -21.58
CA VAL D 98 -31.41 1.81 -20.36
C VAL D 98 -30.16 2.66 -20.75
N ASP D 99 -30.15 3.94 -20.38
CA ASP D 99 -28.97 4.80 -20.61
C ASP D 99 -27.72 4.14 -19.96
N PRO D 100 -26.63 3.91 -20.70
CA PRO D 100 -25.42 3.31 -20.09
C PRO D 100 -24.78 4.05 -18.93
N GLU D 101 -25.09 5.33 -18.72
CA GLU D 101 -24.61 6.02 -17.51
C GLU D 101 -25.05 5.27 -16.24
N ASN D 102 -26.18 4.57 -16.28
CA ASN D 102 -26.63 3.77 -15.12
C ASN D 102 -25.60 2.68 -14.73
N PHE D 103 -24.91 2.11 -15.72
CA PHE D 103 -23.90 1.06 -15.44
C PHE D 103 -22.70 1.66 -14.68
N ARG D 104 -22.32 2.89 -15.04
CA ARG D 104 -21.21 3.58 -14.39
C ARG D 104 -21.58 3.95 -12.95
N LEU D 105 -22.80 4.44 -12.72
CA LEU D 105 -23.29 4.70 -11.35
C LEU D 105 -23.29 3.43 -10.47
N LEU D 106 -23.77 2.30 -11.02
CA LEU D 106 -23.77 1.04 -10.26
C LEU D 106 -22.34 0.57 -9.90
N GLY D 107 -21.39 0.76 -10.81
CA GLY D 107 -20.00 0.40 -10.57
C GLY D 107 -19.43 1.13 -9.36
N ASN D 108 -19.69 2.43 -9.28
CA ASN D 108 -19.16 3.21 -8.17
C ASN D 108 -19.83 2.86 -6.81
N VAL D 109 -21.12 2.56 -6.82
CA VAL D 109 -21.82 2.06 -5.63
C VAL D 109 -21.26 0.68 -5.21
N LEU D 110 -21.04 -0.22 -6.16
CA LEU D 110 -20.40 -1.53 -5.84
C LEU D 110 -19.04 -1.37 -5.16
N VAL D 111 -18.20 -0.47 -5.68
CA VAL D 111 -16.90 -0.20 -5.03
C VAL D 111 -17.07 0.26 -3.56
N CYS D 112 -18.04 1.16 -3.31
CA CYS D 112 -18.38 1.60 -1.94
C CYS D 112 -18.80 0.43 -1.02
N VAL D 113 -19.64 -0.47 -1.54
CA VAL D 113 -20.09 -1.67 -0.82
C VAL D 113 -18.93 -2.62 -0.48
N LEU D 114 -18.03 -2.85 -1.43
CA LEU D 114 -16.86 -3.70 -1.20
C LEU D 114 -15.94 -3.14 -0.10
N ALA D 115 -15.76 -1.82 -0.09
CA ALA D 115 -14.98 -1.14 0.94
C ALA D 115 -15.64 -1.25 2.33
N HIS D 116 -16.96 -1.01 2.40
CA HIS D 116 -17.78 -1.14 3.62
C HIS D 116 -17.71 -2.56 4.22
N HIS D 117 -17.77 -3.59 3.37
CA HIS D 117 -17.68 -4.99 3.83
C HIS D 117 -16.29 -5.46 4.28
N PHE D 118 -15.26 -5.18 3.48
CA PHE D 118 -13.91 -5.70 3.69
C PHE D 118 -13.00 -4.82 4.57
N GLY D 119 -13.33 -3.54 4.72
CA GLY D 119 -12.51 -2.63 5.53
C GLY D 119 -11.07 -2.53 5.04
N LYS D 120 -10.11 -2.69 5.95
CA LYS D 120 -8.69 -2.53 5.62
C LYS D 120 -8.13 -3.49 4.55
N GLU D 121 -8.80 -4.64 4.34
CA GLU D 121 -8.44 -5.58 3.26
C GLU D 121 -8.64 -4.99 1.82
N PHE D 122 -9.56 -4.02 1.70
CA PHE D 122 -9.78 -3.29 0.44
C PHE D 122 -8.80 -2.10 0.37
N THR D 123 -7.54 -2.45 0.08
CA THR D 123 -6.40 -1.52 0.07
C THR D 123 -6.47 -0.57 -1.14
N PRO D 124 -5.71 0.53 -1.13
CA PRO D 124 -5.65 1.37 -2.33
C PRO D 124 -5.25 0.63 -3.65
N PRO D 125 -4.24 -0.26 -3.71
CA PRO D 125 -4.03 -1.04 -4.95
C PRO D 125 -5.21 -1.97 -5.35
N VAL D 126 -5.89 -2.59 -4.37
CA VAL D 126 -7.05 -3.45 -4.67
C VAL D 126 -8.17 -2.60 -5.28
N GLN D 127 -8.42 -1.42 -4.70
CA GLN D 127 -9.44 -0.50 -5.26
C GLN D 127 -9.11 -0.12 -6.70
N ALA D 128 -7.85 0.20 -7.00
CA ALA D 128 -7.44 0.56 -8.36
C ALA D 128 -7.71 -0.56 -9.38
N ALA D 129 -7.46 -1.82 -8.98
CA ALA D 129 -7.80 -2.97 -9.82
C ALA D 129 -9.32 -3.10 -10.06
N TYR D 130 -10.13 -2.95 -9.02
CA TYR D 130 -11.60 -2.97 -9.16
C TYR D 130 -12.15 -1.80 -9.97
N GLN D 131 -11.51 -0.62 -9.91
CA GLN D 131 -11.96 0.50 -10.74
C GLN D 131 -11.80 0.16 -12.23
N LYS D 132 -10.72 -0.54 -12.60
CA LYS D 132 -10.48 -1.01 -13.97
C LYS D 132 -11.58 -2.02 -14.37
N VAL D 133 -11.94 -2.89 -13.43
CA VAL D 133 -12.97 -3.94 -13.65
C VAL D 133 -14.34 -3.33 -13.96
N VAL D 134 -14.81 -2.43 -13.09
CA VAL D 134 -16.15 -1.86 -13.25
C VAL D 134 -16.23 -0.97 -14.49
N ALA D 135 -15.15 -0.26 -14.80
CA ALA D 135 -15.10 0.50 -16.07
C ALA D 135 -15.15 -0.41 -17.29
N GLY D 136 -14.43 -1.52 -17.24
CA GLY D 136 -14.42 -2.50 -18.31
C GLY D 136 -15.79 -3.13 -18.55
N VAL D 137 -16.48 -3.51 -17.47
CA VAL D 137 -17.85 -4.07 -17.59
C VAL D 137 -18.85 -3.03 -18.14
N ALA D 138 -18.80 -1.79 -17.64
CA ALA D 138 -19.70 -0.72 -18.13
C ALA D 138 -19.45 -0.40 -19.61
N ASN D 139 -18.17 -0.28 -20.01
CA ASN D 139 -17.81 -0.09 -21.43
C ASN D 139 -18.30 -1.23 -22.33
N ALA D 140 -18.18 -2.47 -21.85
CA ALA D 140 -18.68 -3.62 -22.61
C ALA D 140 -20.20 -3.62 -22.77
N LEU D 141 -20.92 -3.29 -21.69
CA LEU D 141 -22.40 -3.19 -21.75
C LEU D 141 -22.89 -2.00 -22.62
N ALA D 142 -22.05 -0.97 -22.76
CA ALA D 142 -22.33 0.20 -23.61
C ALA D 142 -22.03 -0.01 -25.11
N HIS D 143 -21.32 -1.09 -25.46
CA HIS D 143 -20.68 -1.19 -26.78
C HIS D 143 -21.62 -1.31 -27.98
N LYS D 144 -22.76 -1.98 -27.80
CA LYS D 144 -23.72 -2.19 -28.89
C LYS D 144 -24.73 -1.05 -29.08
N TYR D 145 -24.57 0.05 -28.33
CA TYR D 145 -25.46 1.23 -28.49
C TYR D 145 -24.94 2.12 -29.63
N HIS D 146 -25.51 1.98 -30.83
CA HIS D 146 -24.98 2.65 -32.02
C HIS D 146 -25.98 3.66 -32.60
N VAL E 1 27.96 -28.45 7.67
CA VAL E 1 29.21 -29.22 7.89
C VAL E 1 30.41 -28.43 7.37
N LEU E 2 31.57 -28.62 8.00
CA LEU E 2 32.83 -28.08 7.47
C LEU E 2 33.35 -28.99 6.34
N SER E 3 33.48 -28.42 5.14
CA SER E 3 33.98 -29.11 3.96
C SER E 3 35.49 -29.34 4.09
N PRO E 4 36.07 -30.27 3.31
CA PRO E 4 37.54 -30.39 3.25
C PRO E 4 38.26 -29.06 2.95
N ALA E 5 37.73 -28.26 2.03
CA ALA E 5 38.26 -26.92 1.73
C ALA E 5 38.23 -25.97 2.96
N ASP E 6 37.14 -26.02 3.73
CA ASP E 6 37.04 -25.24 4.98
C ASP E 6 38.14 -25.63 5.96
N LYS E 7 38.33 -26.93 6.15
CA LYS E 7 39.33 -27.44 7.09
C LYS E 7 40.75 -26.97 6.74
N THR E 8 41.09 -26.99 5.45
CA THR E 8 42.39 -26.49 4.98
C THR E 8 42.57 -24.97 5.21
N ASN E 9 41.52 -24.20 4.92
CA ASN E 9 41.55 -22.74 5.15
C ASN E 9 41.74 -22.35 6.63
N VAL E 10 41.06 -23.06 7.54
CA VAL E 10 41.13 -22.79 8.97
C VAL E 10 42.51 -23.10 9.55
N LYS E 11 43.01 -24.30 9.22
CA LYS E 11 44.35 -24.73 9.61
C LYS E 11 45.44 -23.76 9.14
N ALA E 12 45.34 -23.29 7.90
CA ALA E 12 46.32 -22.30 7.37
C ALA E 12 46.29 -20.97 8.11
N ALA E 13 45.09 -20.46 8.41
CA ALA E 13 44.95 -19.17 9.08
C ALA E 13 45.39 -19.19 10.55
N TRP E 14 44.97 -20.22 11.29
CA TRP E 14 45.37 -20.36 12.70
C TRP E 14 46.88 -20.65 12.84
N GLY E 15 47.45 -21.35 11.86
CA GLY E 15 48.89 -21.55 11.78
C GLY E 15 49.67 -20.24 11.67
N LYS E 16 49.17 -19.31 10.84
CA LYS E 16 49.77 -17.98 10.72
C LYS E 16 49.67 -17.16 12.02
N VAL E 17 48.53 -17.26 12.71
CA VAL E 17 48.39 -16.66 14.05
C VAL E 17 49.49 -17.14 15.03
N GLY E 18 49.72 -18.44 15.08
CA GLY E 18 50.72 -19.04 15.96
C GLY E 18 50.65 -18.58 17.40
N ALA E 19 51.80 -18.19 17.93
CA ALA E 19 51.94 -17.83 19.33
C ALA E 19 51.27 -16.50 19.73
N HIS E 20 50.72 -15.77 18.75
CA HIS E 20 49.92 -14.57 19.02
C HIS E 20 48.48 -14.87 19.48
N ALA E 21 48.09 -16.15 19.50
CA ALA E 21 46.68 -16.53 19.80
C ALA E 21 46.12 -15.97 21.12
N GLY E 22 46.91 -16.10 22.20
CA GLY E 22 46.51 -15.62 23.53
C GLY E 22 46.25 -14.12 23.55
N GLU E 23 47.16 -13.33 22.97
CA GLU E 23 46.98 -11.89 22.76
C GLU E 23 45.66 -11.57 22.01
N TYR E 24 45.41 -12.30 20.92
CA TYR E 24 44.23 -12.05 20.08
C TYR E 24 42.93 -12.43 20.81
N GLY E 25 42.98 -13.45 21.66
CA GLY E 25 41.83 -13.77 22.52
C GLY E 25 41.47 -12.63 23.48
N ALA E 26 42.47 -12.04 24.14
CA ALA E 26 42.23 -10.89 25.03
C ALA E 26 41.67 -9.67 24.28
N GLU E 27 42.22 -9.42 23.08
CA GLU E 27 41.75 -8.34 22.20
C GLU E 27 40.26 -8.53 21.83
N ALA E 28 39.89 -9.77 21.46
CA ALA E 28 38.51 -10.06 21.07
C ALA E 28 37.53 -9.86 22.24
N LEU E 29 37.93 -10.24 23.44
CA LEU E 29 37.12 -9.95 24.64
C LEU E 29 36.92 -8.44 24.90
N GLU E 30 38.00 -7.64 24.83
CA GLU E 30 37.90 -6.18 25.00
C GLU E 30 36.95 -5.57 23.94
N ARG E 31 37.10 -5.98 22.67
CA ARG E 31 36.18 -5.53 21.61
C ARG E 31 34.70 -5.89 21.91
N MET E 32 34.46 -7.10 22.45
CA MET E 32 33.08 -7.55 22.82
C MET E 32 32.47 -6.71 23.96
N PHE E 33 33.26 -6.47 25.02
CA PHE E 33 32.76 -5.69 26.17
C PHE E 33 32.41 -4.26 25.79
N LEU E 34 33.20 -3.68 24.89
CA LEU E 34 32.96 -2.29 24.45
C LEU E 34 31.81 -2.16 23.43
N SER E 35 31.77 -3.07 22.46
CA SER E 35 30.78 -3.03 21.36
C SER E 35 29.39 -3.53 21.76
N PHE E 36 29.37 -4.54 22.63
CA PHE E 36 28.15 -5.25 23.09
C PHE E 36 28.08 -5.29 24.65
N PRO E 37 27.81 -4.13 25.29
CA PRO E 37 27.95 -4.06 26.76
C PRO E 37 27.07 -5.05 27.55
N THR E 38 25.98 -5.58 26.98
CA THR E 38 25.19 -6.60 27.71
C THR E 38 26.01 -7.88 28.06
N THR E 39 27.08 -8.15 27.29
CA THR E 39 27.93 -9.32 27.57
C THR E 39 28.68 -9.19 28.92
N LYS E 40 28.85 -7.95 29.43
CA LYS E 40 29.49 -7.75 30.73
C LYS E 40 28.64 -8.29 31.90
N THR E 41 27.35 -8.56 31.66
CA THR E 41 26.50 -9.16 32.74
C THR E 41 26.98 -10.55 33.19
N TYR E 42 27.81 -11.22 32.38
CA TYR E 42 28.40 -12.53 32.74
C TYR E 42 29.72 -12.44 33.51
N PHE E 43 30.28 -11.23 33.63
CA PHE E 43 31.58 -11.02 34.30
C PHE E 43 31.55 -9.94 35.43
N PRO E 44 30.50 -9.87 36.29
CA PRO E 44 30.48 -8.86 37.37
C PRO E 44 31.55 -9.12 38.45
N HIS E 45 32.04 -10.37 38.52
CA HIS E 45 33.12 -10.79 39.42
C HIS E 45 34.55 -10.46 38.92
N PHE E 46 34.68 -10.02 37.66
CA PHE E 46 35.98 -9.65 37.06
C PHE E 46 36.35 -8.20 37.31
N ASP E 47 37.67 -7.95 37.37
CA ASP E 47 38.28 -6.63 37.13
C ASP E 47 38.26 -6.34 35.61
N LEU E 48 37.46 -5.35 35.20
CA LEU E 48 37.35 -4.94 33.78
C LEU E 48 38.15 -3.66 33.42
N SER E 49 39.05 -3.21 34.30
CA SER E 49 39.88 -2.03 34.03
C SER E 49 40.78 -2.23 32.79
N HIS E 50 41.25 -1.12 32.21
CA HIS E 50 42.09 -1.21 31.00
C HIS E 50 43.38 -2.02 31.23
N GLY E 51 43.65 -3.00 30.35
CA GLY E 51 44.80 -3.86 30.50
C GLY E 51 44.71 -4.94 31.57
N SER E 52 43.50 -5.15 32.10
CA SER E 52 43.26 -6.11 33.17
C SER E 52 44.00 -7.44 33.00
N ALA E 53 44.78 -7.82 34.02
CA ALA E 53 45.46 -9.11 34.03
C ALA E 53 44.48 -10.29 34.06
N GLN E 54 43.34 -10.12 34.74
CA GLN E 54 42.29 -11.13 34.80
C GLN E 54 41.66 -11.39 33.41
N VAL E 55 41.36 -10.32 32.67
CA VAL E 55 40.89 -10.46 31.28
C VAL E 55 41.96 -11.13 30.38
N LYS E 56 43.22 -10.73 30.51
CA LYS E 56 44.30 -11.38 29.75
C LYS E 56 44.40 -12.90 29.99
N GLY E 57 44.29 -13.32 31.24
CA GLY E 57 44.31 -14.73 31.61
C GLY E 57 43.16 -15.52 31.01
N HIS E 58 41.95 -14.93 31.01
CA HIS E 58 40.79 -15.56 30.39
C HIS E 58 40.91 -15.65 28.87
N GLY E 59 41.46 -14.62 28.23
CA GLY E 59 41.76 -14.66 26.80
C GLY E 59 42.70 -15.80 26.37
N LYS E 60 43.70 -16.08 27.21
CA LYS E 60 44.62 -17.21 26.95
C LYS E 60 43.88 -18.55 26.99
N LYS E 61 42.96 -18.71 27.96
CA LYS E 61 42.16 -19.95 28.08
C LYS E 61 41.24 -20.16 26.86
N VAL E 62 40.54 -19.09 26.45
CA VAL E 62 39.68 -19.13 25.24
C VAL E 62 40.49 -19.51 23.99
N ALA E 63 41.64 -18.86 23.81
CA ALA E 63 42.55 -19.16 22.68
C ALA E 63 43.05 -20.60 22.67
N ASP E 64 43.49 -21.12 23.82
CA ASP E 64 43.94 -22.52 23.91
C ASP E 64 42.83 -23.51 23.52
N ALA E 65 41.57 -23.23 23.89
CA ALA E 65 40.45 -24.10 23.50
C ALA E 65 40.22 -24.09 21.99
N LEU E 66 40.39 -22.91 21.37
CA LEU E 66 40.25 -22.81 19.92
C LEU E 66 41.40 -23.54 19.17
N THR E 67 42.64 -23.44 19.70
CA THR E 67 43.79 -24.15 19.12
C THR E 67 43.56 -25.65 19.14
N ASN E 68 43.02 -26.15 20.25
CA ASN E 68 42.69 -27.58 20.37
C ASN E 68 41.59 -28.00 19.38
N ALA E 69 40.60 -27.14 19.17
CA ALA E 69 39.52 -27.47 18.24
C ALA E 69 40.01 -27.54 16.77
N VAL E 70 40.95 -26.65 16.41
CA VAL E 70 41.56 -26.71 15.07
C VAL E 70 42.33 -28.03 14.86
N ALA E 71 43.11 -28.42 15.87
CA ALA E 71 43.90 -29.67 15.84
C ALA E 71 43.01 -30.92 15.80
N HIS E 72 41.76 -30.80 16.25
CA HIS E 72 40.80 -31.90 16.26
C HIS E 72 39.55 -31.59 15.42
N VAL E 73 39.74 -30.93 14.29
CA VAL E 73 38.64 -30.45 13.46
C VAL E 73 37.72 -31.56 12.87
N ASP E 74 38.23 -32.79 12.79
CA ASP E 74 37.42 -33.91 12.31
C ASP E 74 36.51 -34.48 13.41
N ASP E 75 36.77 -34.12 14.66
CA ASP E 75 36.04 -34.68 15.80
C ASP E 75 35.84 -33.68 16.96
N MET E 76 35.20 -32.56 16.66
CA MET E 76 35.03 -31.49 17.64
C MET E 76 34.10 -31.80 18.83
N PRO E 77 33.00 -32.52 18.65
CA PRO E 77 32.16 -32.89 19.80
C PRO E 77 32.92 -33.61 20.94
N ASN E 78 33.82 -34.53 20.58
CA ASN E 78 34.62 -35.21 21.59
C ASN E 78 35.71 -34.32 22.22
N ALA E 79 36.39 -33.53 21.40
CA ALA E 79 37.45 -32.62 21.88
C ALA E 79 36.96 -31.56 22.91
N LEU E 80 35.74 -31.06 22.69
CA LEU E 80 35.16 -29.99 23.50
C LEU E 80 34.13 -30.49 24.55
N SER E 81 34.10 -31.81 24.81
CA SER E 81 33.07 -32.41 25.66
C SER E 81 32.98 -31.83 27.09
N ALA E 82 34.14 -31.70 27.76
CA ALA E 82 34.17 -31.14 29.11
C ALA E 82 33.76 -29.66 29.13
N LEU E 83 34.19 -28.91 28.12
CA LEU E 83 33.85 -27.49 28.02
C LEU E 83 32.34 -27.27 27.76
N SER E 84 31.74 -28.17 26.99
CA SER E 84 30.29 -28.15 26.71
C SER E 84 29.48 -28.45 27.99
N ASP E 85 29.96 -29.40 28.79
CA ASP E 85 29.36 -29.69 30.10
C ASP E 85 29.39 -28.45 31.02
N LEU E 86 30.53 -27.74 31.04
CA LEU E 86 30.70 -26.56 31.91
C LEU E 86 29.74 -25.41 31.55
N HIS E 87 29.62 -25.10 30.26
CA HIS E 87 28.71 -24.02 29.82
C HIS E 87 27.21 -24.41 30.07
N ALA E 88 26.84 -25.67 29.80
CA ALA E 88 25.44 -26.10 30.00
C ALA E 88 24.98 -26.18 31.45
N HIS E 89 25.84 -26.65 32.35
CA HIS E 89 25.38 -26.99 33.70
C HIS E 89 25.75 -25.96 34.78
N LYS E 90 26.82 -25.19 34.53
CA LYS E 90 27.29 -24.20 35.51
C LYS E 90 27.17 -22.73 35.01
N LEU E 91 27.95 -22.36 33.99
CA LEU E 91 28.01 -20.97 33.52
C LEU E 91 26.65 -20.48 32.98
N ARG E 92 26.00 -21.31 32.17
CA ARG E 92 24.62 -21.05 31.74
C ARG E 92 24.44 -19.71 30.98
N VAL E 93 25.42 -19.39 30.12
CA VAL E 93 25.40 -18.18 29.26
C VAL E 93 24.33 -18.28 28.17
N ASP E 94 23.45 -17.27 27.99
CA ASP E 94 22.40 -17.43 26.97
C ASP E 94 23.00 -17.68 25.56
N PRO E 95 22.49 -18.65 24.80
CA PRO E 95 22.99 -18.93 23.44
C PRO E 95 23.20 -17.72 22.50
N VAL E 96 22.42 -16.63 22.62
CA VAL E 96 22.62 -15.47 21.70
C VAL E 96 24.03 -14.83 21.79
N ASN E 97 24.69 -14.96 22.93
CA ASN E 97 25.99 -14.30 23.11
C ASN E 97 27.15 -14.94 22.34
N PHE E 98 27.02 -16.22 21.98
CA PHE E 98 28.11 -16.90 21.23
C PHE E 98 28.33 -16.24 19.84
N LYS E 99 27.26 -15.75 19.21
CA LYS E 99 27.39 -15.01 17.93
C LYS E 99 28.14 -13.67 18.10
N LEU E 100 28.02 -13.05 19.27
CA LEU E 100 28.71 -11.77 19.56
C LEU E 100 30.23 -11.94 19.74
N LEU E 101 30.64 -12.93 20.52
CA LEU E 101 32.08 -13.25 20.65
C LEU E 101 32.67 -13.73 19.31
N SER E 102 31.91 -14.54 18.54
CA SER E 102 32.38 -15.03 17.24
C SER E 102 32.68 -13.88 16.27
N HIS E 103 31.76 -12.91 16.18
CA HIS E 103 31.98 -11.71 15.35
C HIS E 103 33.24 -10.93 15.80
N CYS E 104 33.41 -10.71 17.10
CA CYS E 104 34.59 -10.00 17.61
C CYS E 104 35.92 -10.76 17.35
N LEU E 105 35.90 -12.10 17.40
CA LEU E 105 37.09 -12.90 17.01
C LEU E 105 37.40 -12.74 15.51
N LEU E 106 36.36 -12.77 14.67
CA LEU E 106 36.52 -12.53 13.23
C LEU E 106 37.13 -11.14 12.92
N VAL E 107 36.68 -10.09 13.62
CA VAL E 107 37.17 -8.71 13.44
C VAL E 107 38.65 -8.59 13.84
N THR E 108 39.00 -9.23 14.96
CA THR E 108 40.39 -9.31 15.43
C THR E 108 41.30 -9.98 14.39
N LEU E 109 40.87 -11.10 13.83
CA LEU E 109 41.66 -11.81 12.79
C LEU E 109 41.85 -10.94 11.54
N ALA E 110 40.78 -10.26 11.11
CA ALA E 110 40.84 -9.36 9.95
C ALA E 110 41.89 -8.25 10.14
N ALA E 111 41.93 -7.66 11.34
CA ALA E 111 42.84 -6.54 11.65
C ALA E 111 44.33 -6.95 11.76
N HIS E 112 44.59 -8.25 11.88
CA HIS E 112 45.96 -8.80 12.03
C HIS E 112 46.42 -9.69 10.85
N LEU E 113 45.55 -9.95 9.87
CA LEU E 113 45.88 -10.82 8.71
C LEU E 113 45.62 -10.14 7.34
N PRO E 114 46.42 -9.14 6.97
CA PRO E 114 46.21 -8.43 5.70
C PRO E 114 46.19 -9.31 4.44
N ALA E 115 47.15 -10.22 4.29
CA ALA E 115 47.18 -11.10 3.12
C ALA E 115 46.26 -12.34 3.22
N GLU E 116 46.12 -12.89 4.43
CA GLU E 116 45.43 -14.16 4.64
C GLU E 116 43.89 -14.08 4.65
N PHE E 117 43.33 -12.94 5.08
CA PHE E 117 41.85 -12.76 5.21
C PHE E 117 41.13 -12.52 3.86
N THR E 118 41.25 -13.47 2.93
CA THR E 118 40.52 -13.42 1.64
C THR E 118 39.02 -13.67 1.85
N PRO E 119 38.17 -13.36 0.86
CA PRO E 119 36.75 -13.71 0.96
C PRO E 119 36.44 -15.20 1.29
N ALA E 120 37.15 -16.14 0.65
CA ALA E 120 36.94 -17.56 0.95
C ALA E 120 37.39 -17.97 2.36
N VAL E 121 38.46 -17.36 2.84
CA VAL E 121 38.99 -17.67 4.18
C VAL E 121 38.05 -17.09 5.25
N HIS E 122 37.55 -15.87 4.99
CA HIS E 122 36.51 -15.20 5.82
C HIS E 122 35.30 -16.15 5.99
N ALA E 123 34.80 -16.71 4.88
CA ALA E 123 33.65 -17.61 4.92
C ALA E 123 33.92 -18.88 5.74
N SER E 124 35.09 -19.51 5.52
CA SER E 124 35.48 -20.70 6.30
C SER E 124 35.64 -20.46 7.82
N LEU E 125 36.25 -19.33 8.19
CA LEU E 125 36.40 -19.01 9.60
C LEU E 125 35.05 -18.75 10.27
N ASP E 126 34.13 -18.08 9.57
CA ASP E 126 32.77 -17.83 10.10
C ASP E 126 32.04 -19.15 10.36
N LYS E 127 32.09 -20.08 9.40
CA LYS E 127 31.51 -21.43 9.62
C LYS E 127 32.16 -22.18 10.79
N PHE E 128 33.49 -22.11 10.92
CA PHE E 128 34.21 -22.80 12.01
C PHE E 128 33.78 -22.28 13.41
N LEU E 129 33.71 -20.95 13.57
CA LEU E 129 33.29 -20.38 14.87
C LEU E 129 31.81 -20.68 15.22
N ALA E 130 30.95 -20.72 14.20
CA ALA E 130 29.55 -21.17 14.38
C ALA E 130 29.46 -22.65 14.83
N SER E 131 30.32 -23.50 14.28
CA SER E 131 30.38 -24.92 14.64
C SER E 131 30.85 -25.15 16.09
N VAL E 132 31.88 -24.40 16.50
CA VAL E 132 32.35 -24.41 17.89
C VAL E 132 31.21 -23.97 18.85
N SER E 133 30.52 -22.89 18.50
CA SER E 133 29.38 -22.39 19.30
C SER E 133 28.24 -23.42 19.43
N THR E 134 27.92 -24.13 18.33
CA THR E 134 26.90 -25.19 18.32
C THR E 134 27.26 -26.32 19.31
N VAL E 135 28.53 -26.77 19.27
CA VAL E 135 29.00 -27.78 20.21
C VAL E 135 28.89 -27.32 21.67
N LEU E 136 29.32 -26.08 21.94
CA LEU E 136 29.27 -25.55 23.30
C LEU E 136 27.85 -25.35 23.85
N THR E 137 26.82 -25.24 22.99
CA THR E 137 25.42 -25.12 23.48
C THR E 137 24.56 -26.40 23.32
N SER E 138 25.20 -27.49 22.92
CA SER E 138 24.48 -28.73 22.54
C SER E 138 23.80 -29.48 23.69
N LYS E 139 24.24 -29.22 24.93
CA LYS E 139 23.73 -29.94 26.12
C LYS E 139 22.86 -29.06 27.05
N TYR E 140 22.49 -27.86 26.56
CA TYR E 140 21.75 -26.86 27.39
C TYR E 140 20.36 -27.30 27.92
N ARG E 141 19.65 -28.14 27.16
CA ARG E 141 18.31 -28.63 27.59
C ARG E 141 17.98 -29.96 26.90
N VAL F 1 20.10 4.66 19.68
CA VAL F 1 21.23 5.23 18.88
C VAL F 1 21.65 6.59 19.44
N HIS F 2 22.34 6.56 20.58
CA HIS F 2 22.87 7.77 21.21
C HIS F 2 24.41 7.75 21.12
N LEU F 3 24.95 8.43 20.12
CA LEU F 3 26.39 8.63 20.00
C LEU F 3 26.78 9.85 20.81
N THR F 4 27.88 9.75 21.56
CA THR F 4 28.39 10.89 22.32
C THR F 4 29.10 11.85 21.35
N PRO F 5 29.39 13.08 21.79
CA PRO F 5 30.31 13.95 21.02
C PRO F 5 31.67 13.29 20.80
N GLU F 7 32.70 10.23 20.05
CA GLU F 7 32.31 9.13 19.17
C GLU F 7 31.84 9.61 17.79
N LYS F 8 30.96 10.62 17.76
CA LYS F 8 30.61 11.32 16.52
C LYS F 8 31.86 11.84 15.81
N SER F 9 32.76 12.45 16.58
CA SER F 9 34.05 12.94 16.08
C SER F 9 34.89 11.79 15.49
N ALA F 10 34.92 10.66 16.19
CA ALA F 10 35.69 9.49 15.76
C ALA F 10 35.17 8.86 14.45
N VAL F 11 33.85 8.78 14.32
CA VAL F 11 33.24 8.23 13.10
C VAL F 11 33.57 9.09 11.87
N THR F 12 33.42 10.41 12.00
CA THR F 12 33.63 11.36 10.90
C THR F 12 35.09 11.37 10.44
N ALA F 13 36.01 11.32 11.41
CA ALA F 13 37.44 11.32 11.13
C ALA F 13 37.88 10.11 10.30
N LEU F 14 37.48 8.91 10.70
CA LEU F 14 37.79 7.70 9.93
C LEU F 14 37.14 7.72 8.52
N TRP F 15 35.87 8.14 8.43
CA TRP F 15 35.14 8.13 7.16
C TRP F 15 35.78 9.05 6.11
N GLY F 16 36.40 10.14 6.56
CA GLY F 16 37.14 11.05 5.70
C GLY F 16 38.28 10.40 4.90
N LYS F 17 38.72 9.22 5.36
CA LYS F 17 39.80 8.45 4.73
C LYS F 17 39.32 7.23 3.90
N VAL F 18 38.01 7.01 3.80
CA VAL F 18 37.47 5.81 3.14
C VAL F 18 37.25 6.02 1.61
N ASN F 19 37.76 5.08 0.81
CA ASN F 19 37.41 4.96 -0.63
C ASN F 19 36.07 4.21 -0.69
N VAL F 20 34.98 4.97 -0.81
CA VAL F 20 33.60 4.44 -0.79
C VAL F 20 33.34 3.45 -1.95
N ASP F 21 33.94 3.71 -3.12
CA ASP F 21 33.88 2.80 -4.27
C ASP F 21 34.43 1.40 -3.97
N GLU F 22 35.65 1.35 -3.43
CA GLU F 22 36.34 0.10 -3.14
C GLU F 22 35.63 -0.65 -1.99
N VAL F 23 35.34 0.09 -0.90
CA VAL F 23 34.75 -0.51 0.31
C VAL F 23 33.31 -1.00 0.04
N GLY F 24 32.55 -0.26 -0.77
CA GLY F 24 31.21 -0.67 -1.18
C GLY F 24 31.19 -1.95 -1.99
N GLY F 25 32.06 -2.03 -2.99
CA GLY F 25 32.18 -3.23 -3.81
C GLY F 25 32.62 -4.46 -3.01
N GLU F 26 33.55 -4.25 -2.09
CA GLU F 26 34.08 -5.32 -1.26
C GLU F 26 33.05 -5.81 -0.23
N ALA F 27 32.29 -4.89 0.37
CA ALA F 27 31.25 -5.25 1.35
C ALA F 27 30.09 -6.05 0.72
N LEU F 28 29.54 -5.60 -0.41
CA LEU F 28 28.44 -6.35 -1.05
C LEU F 28 28.93 -7.69 -1.59
N GLY F 29 30.12 -7.72 -2.21
CA GLY F 29 30.71 -8.96 -2.67
C GLY F 29 30.87 -10.00 -1.55
N ARG F 30 31.45 -9.58 -0.42
CA ARG F 30 31.62 -10.50 0.72
C ARG F 30 30.28 -10.97 1.34
N LEU F 31 29.26 -10.11 1.33
CA LEU F 31 27.91 -10.54 1.76
C LEU F 31 27.44 -11.76 0.95
N LEU F 32 27.62 -11.69 -0.37
CA LEU F 32 27.16 -12.76 -1.27
C LEU F 32 28.02 -14.02 -1.20
N VAL F 33 29.28 -13.88 -0.82
CA VAL F 33 30.18 -15.04 -0.63
C VAL F 33 30.01 -15.73 0.74
N VAL F 34 29.94 -14.94 1.82
CA VAL F 34 29.89 -15.49 3.18
C VAL F 34 28.47 -16.02 3.57
N TYR F 35 27.42 -15.34 3.09
CA TYR F 35 26.02 -15.72 3.34
C TYR F 35 25.33 -15.90 1.97
N PRO F 36 25.63 -16.99 1.27
CA PRO F 36 25.26 -17.10 -0.16
C PRO F 36 23.74 -17.13 -0.47
N TRP F 37 22.89 -17.36 0.53
CA TRP F 37 21.44 -17.24 0.34
C TRP F 37 20.98 -15.81 -0.07
N THR F 38 21.78 -14.79 0.28
CA THR F 38 21.52 -13.40 -0.14
C THR F 38 21.58 -13.15 -1.66
N GLN F 39 22.12 -14.12 -2.41
CA GLN F 39 22.16 -14.03 -3.88
C GLN F 39 20.73 -14.03 -4.49
N ARG F 40 19.74 -14.45 -3.70
CA ARG F 40 18.34 -14.55 -4.17
C ARG F 40 17.77 -13.27 -4.81
N PHE F 41 18.29 -12.09 -4.40
CA PHE F 41 17.82 -10.81 -4.92
C PHE F 41 18.52 -10.36 -6.23
N PHE F 42 19.56 -11.08 -6.66
CA PHE F 42 20.50 -10.56 -7.66
C PHE F 42 20.71 -11.47 -8.88
N GLU F 43 19.69 -12.22 -9.25
CA GLU F 43 19.77 -13.10 -10.42
C GLU F 43 20.05 -12.32 -11.72
N SER F 44 19.53 -11.09 -11.81
CA SER F 44 19.73 -10.25 -12.98
C SER F 44 21.18 -9.74 -13.15
N PHE F 45 22.02 -9.96 -12.14
CA PHE F 45 23.41 -9.48 -12.15
C PHE F 45 24.37 -10.41 -12.91
N GLY F 46 23.89 -11.60 -13.30
CA GLY F 46 24.68 -12.51 -14.11
C GLY F 46 25.51 -13.53 -13.32
N ASP F 47 26.79 -13.65 -13.68
CA ASP F 47 27.69 -14.66 -13.13
C ASP F 47 28.06 -14.47 -11.65
N LEU F 48 27.54 -15.36 -10.79
CA LEU F 48 27.81 -15.35 -9.34
C LEU F 48 28.29 -16.73 -8.86
N SER F 49 28.94 -17.48 -9.74
CA SER F 49 29.20 -18.92 -9.53
C SER F 49 30.39 -19.26 -8.64
N THR F 50 31.28 -18.30 -8.44
CA THR F 50 32.48 -18.51 -7.66
C THR F 50 32.85 -17.20 -6.92
N PRO F 51 33.63 -17.29 -5.84
CA PRO F 51 34.11 -16.10 -5.13
C PRO F 51 34.76 -15.04 -6.04
N ASP F 52 35.69 -15.44 -6.91
CA ASP F 52 36.31 -14.52 -7.88
C ASP F 52 35.30 -13.89 -8.84
N ALA F 53 34.31 -14.66 -9.28
CA ALA F 53 33.26 -14.16 -10.18
C ALA F 53 32.35 -13.13 -9.49
N VAL F 54 31.97 -13.42 -8.25
CA VAL F 54 31.18 -12.49 -7.45
C VAL F 54 31.95 -11.19 -7.21
N MET F 55 33.17 -11.31 -6.69
CA MET F 55 34.01 -10.16 -6.34
C MET F 55 34.34 -9.26 -7.55
N GLY F 56 34.53 -9.87 -8.71
CA GLY F 56 34.88 -9.12 -9.93
C GLY F 56 33.72 -8.75 -10.86
N ASN F 57 32.49 -9.06 -10.46
CA ASN F 57 31.29 -8.78 -11.23
C ASN F 57 30.98 -7.27 -11.26
N PRO F 58 30.96 -6.66 -12.45
CA PRO F 58 30.71 -5.22 -12.58
C PRO F 58 29.37 -4.70 -12.01
N LYS F 59 28.32 -5.52 -12.03
CA LYS F 59 27.03 -5.10 -11.49
C LYS F 59 27.01 -5.15 -9.95
N VAL F 60 27.72 -6.13 -9.39
CA VAL F 60 27.94 -6.21 -7.93
C VAL F 60 28.73 -4.98 -7.43
N LYS F 61 29.82 -4.64 -8.14
CA LYS F 61 30.62 -3.46 -7.79
C LYS F 61 29.82 -2.17 -7.86
N ALA F 62 29.06 -2.01 -8.96
CA ALA F 62 28.23 -0.84 -9.15
C ALA F 62 27.15 -0.66 -8.08
N HIS F 63 26.47 -1.76 -7.70
CA HIS F 63 25.40 -1.69 -6.69
C HIS F 63 25.97 -1.43 -5.29
N GLY F 64 27.10 -2.06 -4.98
CA GLY F 64 27.83 -1.75 -3.74
C GLY F 64 28.21 -0.28 -3.56
N LYS F 65 28.70 0.35 -4.64
CA LYS F 65 28.98 1.79 -4.64
C LYS F 65 27.74 2.64 -4.36
N LYS F 66 26.61 2.27 -4.98
CA LYS F 66 25.34 2.99 -4.82
C LYS F 66 24.83 2.89 -3.37
N VAL F 67 24.81 1.66 -2.86
CA VAL F 67 24.35 1.39 -1.50
C VAL F 67 25.18 2.13 -0.41
N LEU F 68 26.51 2.07 -0.53
CA LEU F 68 27.41 2.71 0.43
C LEU F 68 27.40 4.25 0.30
N GLY F 69 27.09 4.75 -0.90
CA GLY F 69 26.80 6.17 -1.10
C GLY F 69 25.63 6.71 -0.29
N ALA F 70 24.54 5.95 -0.25
CA ALA F 70 23.37 6.35 0.54
C ALA F 70 23.68 6.22 2.04
N PHE F 71 24.44 5.19 2.43
CA PHE F 71 24.97 5.03 3.81
C PHE F 71 25.75 6.30 4.23
N SER F 72 26.63 6.77 3.33
CA SER F 72 27.45 7.99 3.56
C SER F 72 26.60 9.24 3.79
N ASP F 73 25.56 9.45 2.98
CA ASP F 73 24.62 10.55 3.21
C ASP F 73 23.94 10.50 4.59
N GLY F 74 23.67 9.27 5.08
CA GLY F 74 23.06 9.06 6.37
C GLY F 74 23.87 9.62 7.54
N LEU F 75 25.19 9.66 7.37
CA LEU F 75 26.10 10.13 8.42
C LEU F 75 25.98 11.63 8.71
N ALA F 76 25.24 12.36 7.89
CA ALA F 76 24.90 13.78 8.15
C ALA F 76 23.60 13.94 8.94
N HIS F 77 22.99 12.82 9.32
CA HIS F 77 21.73 12.84 10.08
C HIS F 77 21.77 11.89 11.27
N LEU F 78 22.88 11.88 12.02
CA LEU F 78 23.06 10.88 13.07
C LEU F 78 22.04 10.93 14.20
N ASP F 79 21.47 12.11 14.46
CA ASP F 79 20.42 12.26 15.47
C ASP F 79 18.99 12.10 14.93
N ASN F 80 18.88 11.79 13.63
CA ASN F 80 17.57 11.49 13.01
C ASN F 80 17.65 10.49 11.84
N LEU F 81 18.23 9.31 12.09
CA LEU F 81 18.37 8.29 11.04
C LEU F 81 17.01 7.77 10.52
N LYS F 82 16.01 7.71 11.40
CA LYS F 82 14.67 7.23 11.04
C LYS F 82 13.98 8.15 10.03
N GLY F 83 14.08 9.45 10.27
CA GLY F 83 13.59 10.44 9.32
C GLY F 83 14.23 10.35 7.95
N THR F 84 15.56 10.26 7.90
CA THR F 84 16.27 10.28 6.64
C THR F 84 16.13 9.01 5.79
N PHE F 85 15.93 7.87 6.43
CA PHE F 85 15.82 6.58 5.72
C PHE F 85 14.36 6.12 5.51
N ALA F 86 13.38 6.96 5.86
CA ALA F 86 11.95 6.59 5.76
C ALA F 86 11.51 6.23 4.34
N THR F 87 11.91 7.02 3.35
CA THR F 87 11.58 6.73 1.95
C THR F 87 12.15 5.38 1.49
N LEU F 88 13.44 5.14 1.74
CA LEU F 88 14.07 3.87 1.38
C LEU F 88 13.52 2.66 2.16
N SER F 89 13.01 2.87 3.38
CA SER F 89 12.42 1.79 4.19
C SER F 89 11.16 1.26 3.48
N GLU F 90 10.26 2.18 3.10
CA GLU F 90 9.03 1.84 2.36
C GLU F 90 9.33 1.14 1.02
N LEU F 91 10.34 1.62 0.29
CA LEU F 91 10.73 1.04 -1.01
C LEU F 91 11.19 -0.42 -0.85
N HIS F 92 12.06 -0.66 0.13
CA HIS F 92 12.62 -2.01 0.36
C HIS F 92 11.54 -2.99 0.84
N CYS F 93 10.54 -2.50 1.59
CA CYS F 93 9.38 -3.32 2.04
C CYS F 93 8.40 -3.69 0.90
N ASP F 94 7.86 -2.65 0.25
CA ASP F 94 6.75 -2.82 -0.70
C ASP F 94 7.13 -3.10 -2.17
N LYS F 95 8.23 -2.53 -2.66
CA LYS F 95 8.64 -2.76 -4.05
C LYS F 95 9.72 -3.85 -4.24
N LEU F 96 10.66 -3.92 -3.30
CA LEU F 96 11.80 -4.82 -3.43
C LEU F 96 11.64 -6.13 -2.64
N HIS F 97 10.76 -6.14 -1.63
CA HIS F 97 10.50 -7.33 -0.79
C HIS F 97 11.77 -7.94 -0.14
N VAL F 98 12.59 -7.08 0.47
CA VAL F 98 13.86 -7.48 1.11
C VAL F 98 13.69 -7.63 2.65
N ASP F 99 13.88 -8.84 3.17
CA ASP F 99 13.86 -9.08 4.62
C ASP F 99 14.90 -8.13 5.32
N PRO F 100 14.52 -7.33 6.32
CA PRO F 100 15.51 -6.46 6.99
C PRO F 100 16.67 -7.15 7.71
N GLU F 101 16.59 -8.46 7.95
CA GLU F 101 17.77 -9.18 8.48
C GLU F 101 19.00 -8.95 7.58
N ASN F 102 18.78 -8.78 6.28
CA ASN F 102 19.86 -8.54 5.30
C ASN F 102 20.68 -7.26 5.64
N PHE F 103 20.01 -6.22 6.16
CA PHE F 103 20.70 -4.98 6.54
C PHE F 103 21.67 -5.20 7.71
N ARG F 104 21.29 -6.06 8.66
CA ARG F 104 22.16 -6.40 9.78
C ARG F 104 23.39 -7.24 9.34
N LEU F 105 23.19 -8.22 8.46
CA LEU F 105 24.29 -9.00 7.89
C LEU F 105 25.28 -8.09 7.15
N LEU F 106 24.77 -7.12 6.38
CA LEU F 106 25.68 -6.23 5.61
C LEU F 106 26.47 -5.32 6.55
N GLY F 107 25.83 -4.86 7.63
CA GLY F 107 26.52 -4.03 8.62
C GLY F 107 27.69 -4.77 9.25
N ASN F 108 27.53 -6.06 9.56
CA ASN F 108 28.63 -6.78 10.18
C ASN F 108 29.78 -7.10 9.19
N VAL F 109 29.44 -7.37 7.92
CA VAL F 109 30.45 -7.52 6.86
C VAL F 109 31.23 -6.20 6.64
N LEU F 110 30.53 -5.06 6.61
CA LEU F 110 31.17 -3.73 6.54
C LEU F 110 32.20 -3.50 7.67
N VAL F 111 31.84 -3.83 8.91
CA VAL F 111 32.81 -3.76 10.04
C VAL F 111 34.09 -4.63 9.77
N CYS F 112 33.92 -5.85 9.26
CA CYS F 112 35.06 -6.71 8.93
C CYS F 112 35.95 -6.12 7.81
N VAL F 113 35.32 -5.51 6.80
CA VAL F 113 36.03 -4.85 5.68
C VAL F 113 36.85 -3.62 6.18
N LEU F 114 36.26 -2.79 7.04
CA LEU F 114 36.98 -1.67 7.68
C LEU F 114 38.20 -2.14 8.52
N ALA F 115 38.05 -3.23 9.28
CA ALA F 115 39.15 -3.77 10.09
C ALA F 115 40.27 -4.35 9.22
N HIS F 116 39.88 -5.02 8.12
CA HIS F 116 40.86 -5.58 7.18
C HIS F 116 41.68 -4.47 6.49
N HIS F 117 41.01 -3.39 6.08
CA HIS F 117 41.66 -2.23 5.45
C HIS F 117 42.57 -1.41 6.39
N PHE F 118 42.05 -1.01 7.56
CA PHE F 118 42.75 -0.08 8.46
C PHE F 118 43.70 -0.74 9.47
N GLY F 119 43.59 -2.06 9.67
CA GLY F 119 44.44 -2.77 10.63
C GLY F 119 44.36 -2.22 12.06
N LYS F 120 45.52 -1.99 12.69
CA LYS F 120 45.57 -1.50 14.09
C LYS F 120 44.86 -0.16 14.31
N GLU F 121 44.75 0.67 13.26
CA GLU F 121 44.03 1.94 13.33
C GLU F 121 42.53 1.75 13.69
N PHE F 122 41.97 0.58 13.37
CA PHE F 122 40.57 0.24 13.72
C PHE F 122 40.52 -0.30 15.17
N THR F 123 40.68 0.60 16.14
CA THR F 123 40.87 0.23 17.55
C THR F 123 39.55 -0.27 18.16
N PRO F 124 39.60 -0.95 19.31
CA PRO F 124 38.34 -1.34 19.99
C PRO F 124 37.34 -0.15 20.21
N PRO F 125 37.74 1.05 20.69
CA PRO F 125 36.79 2.17 20.76
C PRO F 125 36.23 2.62 19.41
N VAL F 126 37.03 2.60 18.33
CA VAL F 126 36.53 2.99 17.00
C VAL F 126 35.47 1.97 16.49
N GLN F 127 35.75 0.70 16.68
CA GLN F 127 34.78 -0.37 16.36
C GLN F 127 33.46 -0.18 17.10
N ALA F 128 33.51 0.12 18.41
CA ALA F 128 32.28 0.29 19.21
C ALA F 128 31.40 1.41 18.67
N ALA F 129 32.01 2.53 18.25
CA ALA F 129 31.26 3.62 17.62
C ALA F 129 30.61 3.20 16.28
N TYR F 130 31.37 2.47 15.44
CA TYR F 130 30.80 1.96 14.16
C TYR F 130 29.70 0.90 14.37
N GLN F 131 29.79 0.10 15.43
CA GLN F 131 28.69 -0.84 15.75
C GLN F 131 27.40 -0.09 16.05
N LYS F 132 27.49 1.01 16.81
CA LYS F 132 26.32 1.88 17.04
C LYS F 132 25.72 2.42 15.72
N VAL F 133 26.58 2.85 14.80
CA VAL F 133 26.12 3.35 13.49
C VAL F 133 25.43 2.28 12.65
N VAL F 134 26.06 1.11 12.47
CA VAL F 134 25.45 0.05 11.62
C VAL F 134 24.11 -0.46 12.22
N ALA F 135 24.02 -0.56 13.54
CA ALA F 135 22.76 -0.94 14.19
C ALA F 135 21.67 0.12 13.97
N GLY F 136 22.04 1.41 14.11
CA GLY F 136 21.10 2.50 13.85
C GLY F 136 20.58 2.59 12.41
N VAL F 137 21.45 2.33 11.43
CA VAL F 137 21.04 2.36 10.02
C VAL F 137 20.11 1.17 9.69
N ALA F 138 20.46 -0.03 10.15
CA ALA F 138 19.59 -1.21 9.97
C ALA F 138 18.22 -1.00 10.60
N ASN F 139 18.19 -0.48 11.84
CA ASN F 139 16.92 -0.19 12.51
C ASN F 139 16.07 0.86 11.77
N ALA F 140 16.73 1.88 11.24
CA ALA F 140 16.01 2.91 10.48
C ALA F 140 15.40 2.37 9.17
N LEU F 141 16.16 1.55 8.47
CA LEU F 141 15.69 0.92 7.24
C LEU F 141 14.54 -0.10 7.49
N ALA F 142 14.51 -0.69 8.69
CA ALA F 142 13.43 -1.61 9.10
C ALA F 142 12.16 -0.91 9.61
N HIS F 143 12.26 0.38 9.96
CA HIS F 143 11.24 1.08 10.74
C HIS F 143 9.84 1.23 10.11
N LYS F 144 9.77 1.39 8.78
CA LYS F 144 8.49 1.58 8.09
C LYS F 144 7.84 0.29 7.55
N TYR F 145 8.43 -0.88 7.83
CA TYR F 145 7.86 -2.16 7.33
C TYR F 145 6.43 -2.45 7.89
N HIS F 146 5.60 -3.06 7.06
CA HIS F 146 4.20 -3.39 7.42
C HIS F 146 3.66 -4.53 6.58
N VAL G 1 19.61 -32.54 21.84
CA VAL G 1 19.03 -33.86 21.40
C VAL G 1 17.67 -34.09 22.09
N LEU G 2 16.76 -34.82 21.44
CA LEU G 2 15.46 -35.18 22.06
C LEU G 2 15.61 -36.41 22.97
N SER G 3 15.16 -36.27 24.22
CA SER G 3 15.16 -37.38 25.20
C SER G 3 14.05 -38.40 24.94
N PRO G 4 14.13 -39.58 25.57
CA PRO G 4 13.00 -40.51 25.51
C PRO G 4 11.65 -39.87 25.93
N ALA G 5 11.64 -39.09 27.01
CA ALA G 5 10.41 -38.39 27.45
C ALA G 5 9.92 -37.35 26.43
N ASP G 6 10.86 -36.61 25.82
CA ASP G 6 10.50 -35.64 24.77
C ASP G 6 9.74 -36.32 23.62
N LYS G 7 10.22 -37.48 23.18
CA LYS G 7 9.59 -38.17 22.04
C LYS G 7 8.19 -38.74 22.38
N THR G 8 8.04 -39.27 23.59
CA THR G 8 6.70 -39.64 24.12
C THR G 8 5.74 -38.45 24.12
N ASN G 9 6.21 -37.30 24.62
CA ASN G 9 5.38 -36.09 24.70
C ASN G 9 4.96 -35.54 23.33
N VAL G 10 5.88 -35.51 22.35
CA VAL G 10 5.59 -35.03 21.02
C VAL G 10 4.58 -35.95 20.28
N LYS G 11 4.80 -37.27 20.35
CA LYS G 11 3.87 -38.24 19.74
C LYS G 11 2.45 -38.12 20.32
N ALA G 12 2.34 -37.95 21.64
CA ALA G 12 1.00 -37.79 22.26
C ALA G 12 0.29 -36.48 21.88
N ALA G 13 1.03 -35.37 21.88
CA ALA G 13 0.46 -34.07 21.49
C ALA G 13 0.06 -33.99 20.01
N TRP G 14 0.94 -34.41 19.11
CA TRP G 14 0.59 -34.39 17.69
C TRP G 14 -0.53 -35.41 17.38
N GLY G 15 -0.56 -36.51 18.12
CA GLY G 15 -1.65 -37.47 18.01
C GLY G 15 -3.03 -36.90 18.32
N LYS G 16 -3.11 -36.08 19.37
CA LYS G 16 -4.35 -35.40 19.77
C LYS G 16 -4.79 -34.39 18.73
N VAL G 17 -3.84 -33.70 18.11
CA VAL G 17 -4.13 -32.80 17.00
C VAL G 17 -4.93 -33.56 15.90
N GLY G 18 -4.48 -34.77 15.57
CA GLY G 18 -5.18 -35.65 14.66
C GLY G 18 -5.55 -35.05 13.31
N ALA G 19 -6.83 -35.20 12.92
CA ALA G 19 -7.34 -34.71 11.63
C ALA G 19 -7.33 -33.18 11.45
N HIS G 20 -7.07 -32.45 12.54
CA HIS G 20 -6.99 -30.97 12.49
C HIS G 20 -5.61 -30.42 12.10
N ALA G 21 -4.64 -31.28 11.78
CA ALA G 21 -3.27 -30.81 11.49
C ALA G 21 -3.20 -29.72 10.40
N GLY G 22 -3.87 -29.94 9.27
CA GLY G 22 -3.90 -28.96 8.19
C GLY G 22 -4.51 -27.61 8.56
N GLU G 23 -5.62 -27.64 9.29
CA GLU G 23 -6.27 -26.43 9.85
C GLU G 23 -5.28 -25.65 10.74
N TYR G 24 -4.57 -26.35 11.61
CA TYR G 24 -3.67 -25.69 12.57
C TYR G 24 -2.42 -25.12 11.86
N GLY G 25 -1.93 -25.79 10.82
CA GLY G 25 -0.84 -25.23 10.02
C GLY G 25 -1.17 -23.90 9.35
N ALA G 26 -2.38 -23.81 8.77
CA ALA G 26 -2.87 -22.55 8.17
C ALA G 26 -3.04 -21.43 9.21
N GLU G 27 -3.59 -21.76 10.38
CA GLU G 27 -3.74 -20.77 11.48
C GLU G 27 -2.37 -20.26 11.99
N ALA G 28 -1.39 -21.16 12.15
CA ALA G 28 -0.03 -20.73 12.54
C ALA G 28 0.60 -19.74 11.54
N LEU G 29 0.44 -20.00 10.24
CA LEU G 29 0.91 -19.08 9.18
C LEU G 29 0.22 -17.71 9.27
N GLU G 30 -1.10 -17.68 9.48
CA GLU G 30 -1.82 -16.40 9.64
C GLU G 30 -1.30 -15.61 10.87
N ARG G 31 -1.13 -16.30 12.00
CA ARG G 31 -0.59 -15.66 13.21
C ARG G 31 0.81 -15.04 12.96
N MET G 32 1.65 -15.76 12.22
CA MET G 32 2.98 -15.26 11.81
C MET G 32 2.92 -13.99 10.92
N PHE G 33 2.09 -13.98 9.87
CA PHE G 33 1.97 -12.83 8.97
C PHE G 33 1.45 -11.58 9.70
N LEU G 34 0.52 -11.77 10.66
CA LEU G 34 -0.03 -10.64 11.44
C LEU G 34 0.92 -10.12 12.54
N SER G 35 1.62 -11.03 13.22
CA SER G 35 2.48 -10.68 14.35
C SER G 35 3.87 -10.21 13.95
N PHE G 36 4.37 -10.76 12.84
CA PHE G 36 5.73 -10.52 12.33
C PHE G 36 5.70 -10.16 10.82
N PRO G 37 5.30 -8.92 10.48
CA PRO G 37 5.09 -8.53 9.07
C PRO G 37 6.30 -8.71 8.14
N THR G 38 7.55 -8.69 8.66
CA THR G 38 8.71 -8.94 7.79
C THR G 38 8.68 -10.32 7.08
N THR G 39 7.95 -11.29 7.65
CA THR G 39 7.88 -12.63 7.04
C THR G 39 7.08 -12.61 5.73
N LYS G 40 6.27 -11.57 5.53
CA LYS G 40 5.48 -11.41 4.30
C LYS G 40 6.36 -11.16 3.04
N THR G 41 7.62 -10.74 3.23
CA THR G 41 8.54 -10.51 2.10
C THR G 41 8.81 -11.76 1.27
N TYR G 42 8.58 -12.96 1.84
CA TYR G 42 8.82 -14.23 1.14
C TYR G 42 7.62 -14.73 0.32
N PHE G 43 6.50 -14.03 0.42
CA PHE G 43 5.25 -14.42 -0.27
C PHE G 43 4.61 -13.26 -1.09
N PRO G 44 5.37 -12.59 -1.97
CA PRO G 44 4.83 -11.43 -2.70
C PRO G 44 3.71 -11.80 -3.70
N HIS G 45 3.60 -13.09 -4.00
CA HIS G 45 2.64 -13.64 -4.98
C HIS G 45 1.36 -14.20 -4.33
N PHE G 46 1.29 -14.17 -3.00
CA PHE G 46 0.17 -14.72 -2.22
C PHE G 46 -0.87 -13.67 -1.81
N ASP G 47 -2.16 -14.04 -1.81
CA ASP G 47 -3.14 -13.38 -0.94
C ASP G 47 -2.83 -13.84 0.49
N LEU G 48 -2.56 -12.89 1.39
CA LEU G 48 -2.21 -13.22 2.77
C LEU G 48 -3.32 -12.99 3.83
N SER G 49 -4.43 -12.37 3.44
CA SER G 49 -5.53 -12.05 4.38
C SER G 49 -6.40 -13.25 4.75
N HIS G 50 -7.20 -13.12 5.82
CA HIS G 50 -8.02 -14.22 6.35
C HIS G 50 -8.88 -14.85 5.28
N GLY G 51 -8.90 -16.18 5.26
CA GLY G 51 -9.69 -16.95 4.30
C GLY G 51 -8.99 -17.22 2.96
N SER G 52 -7.67 -16.99 2.93
CA SER G 52 -6.87 -17.19 1.72
C SER G 52 -6.77 -18.66 1.31
N ALA G 53 -7.06 -18.95 0.03
CA ALA G 53 -6.87 -20.27 -0.56
C ALA G 53 -5.40 -20.72 -0.61
N GLN G 54 -4.51 -19.78 -0.88
CA GLN G 54 -3.08 -20.07 -0.95
C GLN G 54 -2.50 -20.40 0.43
N VAL G 55 -2.91 -19.66 1.46
CA VAL G 55 -2.46 -19.94 2.83
C VAL G 55 -2.99 -21.29 3.33
N LYS G 56 -4.24 -21.63 2.98
CA LYS G 56 -4.81 -22.92 3.36
C LYS G 56 -4.04 -24.10 2.76
N GLY G 57 -3.72 -24.00 1.47
CA GLY G 57 -2.95 -25.02 0.77
C GLY G 57 -1.53 -25.18 1.29
N HIS G 58 -0.86 -24.06 1.59
CA HIS G 58 0.50 -24.09 2.14
C HIS G 58 0.50 -24.70 3.57
N GLY G 59 -0.49 -24.35 4.38
CA GLY G 59 -0.66 -24.91 5.73
C GLY G 59 -0.76 -26.42 5.79
N LYS G 60 -1.51 -27.00 4.84
CA LYS G 60 -1.62 -28.46 4.72
C LYS G 60 -0.26 -29.10 4.43
N LYS G 61 0.53 -28.52 3.51
CA LYS G 61 1.87 -29.04 3.21
C LYS G 61 2.84 -28.97 4.41
N VAL G 62 2.84 -27.85 5.14
CA VAL G 62 3.62 -27.69 6.38
C VAL G 62 3.29 -28.77 7.43
N ALA G 63 1.99 -28.95 7.69
CA ALA G 63 1.49 -29.97 8.61
C ALA G 63 1.90 -31.38 8.21
N ASP G 64 1.79 -31.71 6.91
CA ASP G 64 2.15 -33.05 6.42
C ASP G 64 3.66 -33.30 6.65
N ALA G 65 4.50 -32.28 6.47
CA ALA G 65 5.94 -32.43 6.72
C ALA G 65 6.24 -32.68 8.22
N LEU G 66 5.51 -32.00 9.11
CA LEU G 66 5.66 -32.23 10.57
C LEU G 66 5.20 -33.65 10.96
N THR G 67 4.13 -34.14 10.34
CA THR G 67 3.66 -35.53 10.59
C THR G 67 4.73 -36.57 10.21
N ASN G 68 5.36 -36.36 9.05
CA ASN G 68 6.47 -37.22 8.62
C ASN G 68 7.69 -37.17 9.55
N ALA G 69 8.06 -35.97 10.01
CA ALA G 69 9.12 -35.85 11.01
C ALA G 69 8.83 -36.61 12.32
N VAL G 70 7.58 -36.57 12.78
CA VAL G 70 7.20 -37.32 13.99
C VAL G 70 7.34 -38.85 13.77
N ALA G 71 6.89 -39.32 12.60
CA ALA G 71 7.01 -40.74 12.23
C ALA G 71 8.47 -41.21 12.12
N HIS G 72 9.37 -40.30 11.75
CA HIS G 72 10.82 -40.60 11.61
C HIS G 72 11.68 -39.77 12.60
N VAL G 73 11.23 -39.68 13.85
CA VAL G 73 11.84 -38.77 14.85
C VAL G 73 13.33 -39.04 15.15
N ASP G 74 13.80 -40.27 14.88
CA ASP G 74 15.21 -40.67 15.09
C ASP G 74 16.07 -40.60 13.83
N ASP G 75 15.53 -40.07 12.75
CA ASP G 75 16.26 -39.97 11.48
C ASP G 75 15.81 -38.75 10.69
N MET G 76 15.55 -37.64 11.38
CA MET G 76 15.05 -36.43 10.70
C MET G 76 15.96 -35.85 9.58
N PRO G 77 17.30 -35.85 9.72
CA PRO G 77 18.16 -35.36 8.62
C PRO G 77 17.93 -36.05 7.27
N ASN G 78 17.61 -37.35 7.29
CA ASN G 78 17.35 -38.09 6.05
C ASN G 78 15.88 -38.02 5.60
N ALA G 79 14.93 -38.09 6.53
CA ALA G 79 13.50 -37.98 6.18
C ALA G 79 13.13 -36.63 5.55
N LEU G 80 13.81 -35.56 5.97
CA LEU G 80 13.54 -34.20 5.48
C LEU G 80 14.57 -33.74 4.44
N SER G 81 15.32 -34.66 3.82
CA SER G 81 16.44 -34.27 2.94
C SER G 81 16.05 -33.42 1.72
N ALA G 82 14.97 -33.79 1.04
CA ALA G 82 14.49 -33.03 -0.13
C ALA G 82 14.02 -31.62 0.26
N LEU G 83 13.35 -31.51 1.41
CA LEU G 83 12.85 -30.23 1.92
C LEU G 83 13.99 -29.30 2.34
N SER G 84 15.04 -29.87 2.93
CA SER G 84 16.26 -29.10 3.23
C SER G 84 17.02 -28.60 1.97
N ASP G 85 17.08 -29.42 0.91
CA ASP G 85 17.63 -28.97 -0.39
C ASP G 85 16.82 -27.78 -0.94
N LEU G 86 15.49 -27.88 -0.87
CA LEU G 86 14.60 -26.84 -1.42
C LEU G 86 14.79 -25.47 -0.73
N HIS G 87 14.85 -25.47 0.61
CA HIS G 87 15.01 -24.22 1.35
C HIS G 87 16.45 -23.63 1.15
N ALA G 88 17.48 -24.49 1.13
CA ALA G 88 18.88 -24.02 0.92
C ALA G 88 19.18 -23.44 -0.47
N HIS G 89 18.65 -24.08 -1.51
CA HIS G 89 19.09 -23.77 -2.87
C HIS G 89 18.13 -22.92 -3.70
N LYS G 90 16.84 -22.93 -3.34
CA LYS G 90 15.81 -22.19 -4.07
C LYS G 90 15.12 -21.09 -3.26
N LEU G 91 14.36 -21.47 -2.24
CA LEU G 91 13.58 -20.51 -1.44
C LEU G 91 14.48 -19.50 -0.71
N ARG G 92 15.55 -20.01 -0.08
CA ARG G 92 16.60 -19.15 0.53
C ARG G 92 16.05 -18.18 1.60
N VAL G 93 15.10 -18.66 2.42
CA VAL G 93 14.56 -17.93 3.56
C VAL G 93 15.61 -17.70 4.65
N ASP G 94 15.80 -16.46 5.11
CA ASP G 94 16.86 -16.26 6.13
C ASP G 94 16.61 -17.13 7.38
N PRO G 95 17.65 -17.81 7.90
CA PRO G 95 17.48 -18.66 9.10
C PRO G 95 16.76 -18.04 10.32
N VAL G 96 16.81 -16.71 10.53
CA VAL G 96 16.11 -16.09 11.66
C VAL G 96 14.56 -16.30 11.67
N ASN G 97 13.97 -16.54 10.49
CA ASN G 97 12.52 -16.67 10.36
C ASN G 97 11.93 -18.00 10.89
N PHE G 98 12.76 -19.05 10.96
CA PHE G 98 12.27 -20.35 11.45
C PHE G 98 11.81 -20.31 12.92
N LYS G 99 12.47 -19.50 13.76
CA LYS G 99 12.05 -19.27 15.15
C LYS G 99 10.68 -18.59 15.26
N LEU G 100 10.34 -17.75 14.27
CA LEU G 100 9.07 -17.02 14.26
C LEU G 100 7.90 -17.97 13.94
N LEU G 101 8.05 -18.81 12.92
CA LEU G 101 7.02 -19.82 12.62
C LEU G 101 6.90 -20.84 13.77
N SER G 102 8.04 -21.25 14.34
CA SER G 102 8.00 -22.21 15.46
C SER G 102 7.20 -21.67 16.67
N HIS G 103 7.42 -20.41 17.05
CA HIS G 103 6.66 -19.77 18.13
C HIS G 103 5.15 -19.73 17.80
N CYS G 104 4.80 -19.40 16.56
CA CYS G 104 3.39 -19.35 16.14
C CYS G 104 2.69 -20.73 16.14
N LEU G 105 3.45 -21.79 15.81
CA LEU G 105 2.97 -23.18 15.95
C LEU G 105 2.69 -23.55 17.43
N LEU G 106 3.60 -23.19 18.35
CA LEU G 106 3.37 -23.38 19.80
C LEU G 106 2.12 -22.66 20.31
N VAL G 107 1.97 -21.39 19.92
CA VAL G 107 0.80 -20.61 20.33
C VAL G 107 -0.52 -21.26 19.83
N THR G 108 -0.54 -21.71 18.58
CA THR G 108 -1.70 -22.43 18.00
C THR G 108 -2.03 -23.70 18.81
N LEU G 109 -1.01 -24.52 19.12
CA LEU G 109 -1.22 -25.74 19.92
C LEU G 109 -1.75 -25.41 21.33
N ALA G 110 -1.19 -24.39 21.99
CA ALA G 110 -1.67 -23.94 23.31
C ALA G 110 -3.16 -23.58 23.29
N ALA G 111 -3.58 -22.85 22.25
CA ALA G 111 -4.98 -22.40 22.08
C ALA G 111 -6.01 -23.55 21.83
N HIS G 112 -5.54 -24.70 21.36
CA HIS G 112 -6.40 -25.84 21.04
C HIS G 112 -6.24 -27.07 21.96
N LEU G 113 -5.24 -27.08 22.86
CA LEU G 113 -4.94 -28.23 23.73
C LEU G 113 -4.96 -27.90 25.24
N PRO G 114 -6.14 -27.55 25.79
CA PRO G 114 -6.22 -27.17 27.21
C PRO G 114 -5.64 -28.22 28.18
N ALA G 115 -5.97 -29.50 28.00
CA ALA G 115 -5.47 -30.56 28.87
C ALA G 115 -4.01 -30.94 28.61
N GLU G 116 -3.65 -31.09 27.33
CA GLU G 116 -2.36 -31.65 26.91
C GLU G 116 -1.13 -30.73 27.03
N PHE G 117 -1.33 -29.41 26.94
CA PHE G 117 -0.21 -28.45 26.88
C PHE G 117 0.29 -28.09 28.30
N THR G 118 0.81 -29.09 29.03
CA THR G 118 1.47 -28.89 30.33
C THR G 118 2.85 -28.22 30.17
N PRO G 119 3.47 -27.72 31.26
CA PRO G 119 4.85 -27.22 31.17
C PRO G 119 5.85 -28.20 30.54
N ALA G 120 5.83 -29.49 30.95
CA ALA G 120 6.73 -30.49 30.35
C ALA G 120 6.51 -30.69 28.83
N VAL G 121 5.25 -30.72 28.40
CA VAL G 121 4.91 -30.94 26.98
C VAL G 121 5.33 -29.71 26.13
N HIS G 122 5.05 -28.51 26.65
CA HIS G 122 5.52 -27.22 26.08
C HIS G 122 7.05 -27.28 25.84
N ALA G 123 7.82 -27.68 26.84
CA ALA G 123 9.28 -27.80 26.70
C ALA G 123 9.69 -28.77 25.57
N SER G 124 9.04 -29.93 25.52
CA SER G 124 9.33 -30.94 24.51
C SER G 124 9.00 -30.50 23.07
N LEU G 125 7.82 -29.87 22.89
CA LEU G 125 7.43 -29.33 21.59
C LEU G 125 8.39 -28.21 21.11
N ASP G 126 8.85 -27.35 22.03
CA ASP G 126 9.78 -26.28 21.65
C ASP G 126 11.11 -26.89 21.15
N LYS G 127 11.64 -27.90 21.85
CA LYS G 127 12.87 -28.60 21.40
C LYS G 127 12.65 -29.29 20.04
N PHE G 128 11.52 -29.95 19.86
CA PHE G 128 11.20 -30.61 18.57
C PHE G 128 11.20 -29.63 17.37
N LEU G 129 10.49 -28.51 17.52
CA LEU G 129 10.41 -27.50 16.46
C LEU G 129 11.78 -26.85 16.18
N ALA G 130 12.61 -26.67 17.20
CA ALA G 130 13.99 -26.19 17.00
C ALA G 130 14.85 -27.22 16.23
N SER G 131 14.66 -28.52 16.50
CA SER G 131 15.35 -29.59 15.76
C SER G 131 14.98 -29.63 14.26
N VAL G 132 13.68 -29.56 13.97
CA VAL G 132 13.20 -29.51 12.57
C VAL G 132 13.79 -28.28 11.84
N SER G 133 13.78 -27.12 12.51
CA SER G 133 14.33 -25.87 11.98
C SER G 133 15.83 -26.01 11.65
N THR G 134 16.59 -26.65 12.55
CA THR G 134 18.02 -26.89 12.34
C THR G 134 18.30 -27.80 11.12
N VAL G 135 17.54 -28.88 10.97
CA VAL G 135 17.64 -29.70 9.74
C VAL G 135 17.36 -28.88 8.45
N LEU G 136 16.30 -28.08 8.46
CA LEU G 136 15.92 -27.30 7.28
C LEU G 136 16.92 -26.20 6.87
N THR G 137 17.77 -25.76 7.82
CA THR G 137 18.83 -24.79 7.49
C THR G 137 20.26 -25.38 7.37
N SER G 138 20.38 -26.71 7.47
CA SER G 138 21.70 -27.37 7.58
C SER G 138 22.57 -27.37 6.31
N LYS G 139 21.97 -27.10 5.15
CA LYS G 139 22.69 -27.13 3.87
C LYS G 139 22.86 -25.72 3.26
N TYR G 140 22.59 -24.67 4.04
CA TYR G 140 22.60 -23.29 3.48
C TYR G 140 23.99 -22.80 2.99
N ARG G 141 25.06 -23.29 3.61
CA ARG G 141 26.43 -22.92 3.19
C ARG G 141 27.42 -24.00 3.60
N VAL H 1 3.71 1.00 22.64
CA VAL H 1 4.28 1.13 21.26
C VAL H 1 3.18 1.48 20.24
N HIS H 2 3.49 1.32 18.95
CA HIS H 2 2.61 1.73 17.86
C HIS H 2 1.35 0.85 17.68
N LEU H 3 0.50 0.82 18.70
CA LEU H 3 -0.78 0.12 18.62
C LEU H 3 -1.85 1.03 18.02
N THR H 4 -2.75 0.47 17.22
CA THR H 4 -3.93 1.17 16.72
C THR H 4 -4.96 1.32 17.86
N PRO H 5 -5.98 2.17 17.71
CA PRO H 5 -7.00 2.30 18.76
C PRO H 5 -7.78 1.01 19.02
N GLU H 6 -8.04 0.23 17.97
CA GLU H 6 -8.73 -1.06 18.12
C GLU H 6 -7.86 -2.09 18.85
N GLU H 7 -6.56 -2.07 18.57
CA GLU H 7 -5.58 -2.90 19.31
C GLU H 7 -5.47 -2.52 20.81
N LYS H 8 -5.45 -1.22 21.10
CA LYS H 8 -5.44 -0.74 22.49
C LYS H 8 -6.67 -1.21 23.26
N SER H 9 -7.85 -1.13 22.62
CA SER H 9 -9.08 -1.62 23.26
C SER H 9 -9.08 -3.14 23.46
N ALA H 10 -8.49 -3.89 22.53
CA ALA H 10 -8.41 -5.35 22.66
C ALA H 10 -7.48 -5.79 23.80
N VAL H 11 -6.37 -5.09 23.97
CA VAL H 11 -5.42 -5.36 25.07
C VAL H 11 -6.10 -5.15 26.43
N THR H 12 -6.75 -4.00 26.59
CA THR H 12 -7.46 -3.64 27.83
C THR H 12 -8.59 -4.62 28.20
N ALA H 13 -9.40 -4.99 27.23
CA ALA H 13 -10.50 -5.94 27.45
C ALA H 13 -10.05 -7.30 27.96
N LEU H 14 -9.05 -7.89 27.30
CA LEU H 14 -8.50 -9.18 27.72
C LEU H 14 -7.87 -9.07 29.12
N TRP H 15 -7.08 -8.01 29.36
CA TRP H 15 -6.37 -7.87 30.64
C TRP H 15 -7.30 -7.71 31.84
N GLY H 16 -8.49 -7.12 31.61
CA GLY H 16 -9.50 -7.04 32.66
C GLY H 16 -9.94 -8.38 33.23
N LYS H 17 -9.71 -9.46 32.45
CA LYS H 17 -10.08 -10.84 32.82
C LYS H 17 -8.91 -11.65 33.43
N VAL H 18 -7.72 -11.04 33.48
CA VAL H 18 -6.51 -11.73 33.98
C VAL H 18 -6.31 -11.60 35.51
N ASN H 19 -6.12 -12.74 36.18
CA ASN H 19 -5.63 -12.79 37.56
C ASN H 19 -4.10 -12.64 37.53
N VAL H 20 -3.61 -11.43 37.83
CA VAL H 20 -2.20 -11.07 37.65
C VAL H 20 -1.26 -11.89 38.55
N ASP H 21 -1.64 -12.08 39.82
CA ASP H 21 -0.85 -12.94 40.72
C ASP H 21 -0.67 -14.36 40.14
N GLU H 22 -1.75 -14.96 39.65
CA GLU H 22 -1.73 -16.35 39.19
C GLU H 22 -0.95 -16.50 37.88
N VAL H 23 -1.25 -15.63 36.92
CA VAL H 23 -0.58 -15.67 35.61
C VAL H 23 0.91 -15.35 35.74
N GLY H 24 1.27 -14.49 36.70
CA GLY H 24 2.69 -14.21 36.96
C GLY H 24 3.50 -15.41 37.44
N GLY H 25 2.98 -16.15 38.41
CA GLY H 25 3.62 -17.38 38.88
C GLY H 25 3.72 -18.44 37.78
N GLU H 26 2.66 -18.60 36.97
CA GLU H 26 2.65 -19.53 35.83
C GLU H 26 3.71 -19.18 34.75
N ALA H 27 3.81 -17.90 34.38
CA ALA H 27 4.78 -17.47 33.35
C ALA H 27 6.24 -17.60 33.82
N LEU H 28 6.56 -17.17 35.05
CA LEU H 28 7.93 -17.31 35.54
C LEU H 28 8.32 -18.78 35.68
N GLY H 29 7.42 -19.62 36.22
CA GLY H 29 7.71 -21.05 36.31
C GLY H 29 7.93 -21.70 34.94
N ARG H 30 7.07 -21.41 33.96
CA ARG H 30 7.29 -21.99 32.61
C ARG H 30 8.63 -21.53 31.98
N LEU H 31 9.03 -20.26 32.24
CA LEU H 31 10.37 -19.79 31.77
C LEU H 31 11.48 -20.71 32.28
N LEU H 32 11.48 -21.01 33.59
CA LEU H 32 12.50 -21.86 34.20
C LEU H 32 12.45 -23.35 33.79
N VAL H 33 11.29 -23.84 33.33
CA VAL H 33 11.16 -25.23 32.84
C VAL H 33 11.60 -25.34 31.36
N VAL H 34 11.10 -24.41 30.52
CA VAL H 34 11.32 -24.49 29.06
C VAL H 34 12.75 -24.06 28.67
N TYR H 35 13.31 -23.05 29.36
CA TYR H 35 14.69 -22.54 29.10
C TYR H 35 15.51 -22.67 30.41
N PRO H 36 15.91 -23.89 30.81
CA PRO H 36 16.43 -24.13 32.18
C PRO H 36 17.71 -23.38 32.58
N TRP H 37 18.48 -22.86 31.60
CA TRP H 37 19.64 -21.99 31.94
C TRP H 37 19.24 -20.71 32.72
N THR H 38 17.98 -20.29 32.58
CA THR H 38 17.46 -19.12 33.33
C THR H 38 17.37 -19.33 34.84
N GLN H 39 17.47 -20.59 35.27
CA GLN H 39 17.58 -20.92 36.72
C GLN H 39 18.84 -20.32 37.39
N ARG H 40 19.83 -19.88 36.61
CA ARG H 40 21.10 -19.33 37.13
C ARG H 40 20.94 -18.16 38.13
N PHE H 41 19.84 -17.41 38.02
CA PHE H 41 19.61 -16.22 38.87
C PHE H 41 18.92 -16.55 40.19
N PHE H 42 18.53 -17.82 40.39
CA PHE H 42 17.61 -18.18 41.49
C PHE H 42 18.13 -19.31 42.38
N GLU H 43 19.45 -19.37 42.61
CA GLU H 43 19.98 -20.44 43.45
C GLU H 43 19.44 -20.43 44.91
N SER H 44 19.11 -19.24 45.43
CA SER H 44 18.55 -19.11 46.79
C SER H 44 17.10 -19.55 46.93
N PHE H 45 16.46 -19.95 45.82
CA PHE H 45 15.02 -20.29 45.82
C PHE H 45 14.75 -21.77 46.18
N GLY H 46 15.80 -22.57 46.35
CA GLY H 46 15.61 -23.98 46.72
C GLY H 46 15.45 -24.94 45.57
N ASP H 47 14.54 -25.91 45.73
CA ASP H 47 14.42 -27.04 44.78
C ASP H 47 13.83 -26.63 43.42
N LEU H 48 14.64 -26.78 42.35
CA LEU H 48 14.23 -26.53 40.96
C LEU H 48 14.50 -27.73 40.05
N SER H 49 14.47 -28.94 40.60
CA SER H 49 14.99 -30.14 39.91
C SER H 49 14.08 -30.89 38.93
N THR H 50 12.76 -30.63 39.00
CA THR H 50 11.75 -31.24 38.11
C THR H 50 10.71 -30.18 37.70
N PRO H 51 9.93 -30.41 36.64
CA PRO H 51 8.83 -29.48 36.32
C PRO H 51 7.90 -29.16 37.51
N ASP H 52 7.45 -30.15 38.27
CA ASP H 52 6.58 -29.87 39.42
C ASP H 52 7.29 -29.13 40.55
N ALA H 53 8.58 -29.43 40.74
CA ALA H 53 9.37 -28.72 41.76
C ALA H 53 9.49 -27.22 41.43
N VAL H 54 9.59 -26.88 40.14
CA VAL H 54 9.66 -25.46 39.72
C VAL H 54 8.27 -24.80 39.81
N MET H 55 7.25 -25.42 39.22
CA MET H 55 5.94 -24.78 39.09
C MET H 55 5.28 -24.52 40.46
N GLY H 56 5.47 -25.45 41.40
CA GLY H 56 4.89 -25.29 42.73
C GLY H 56 5.81 -24.65 43.78
N ASN H 57 7.03 -24.26 43.39
CA ASN H 57 8.00 -23.65 44.31
C ASN H 57 7.43 -22.33 44.91
N PRO H 58 7.24 -22.23 46.23
CA PRO H 58 6.64 -21.02 46.82
C PRO H 58 7.41 -19.70 46.51
N LYS H 59 8.75 -19.76 46.41
CA LYS H 59 9.55 -18.56 46.12
C LYS H 59 9.45 -18.14 44.64
N VAL H 60 9.33 -19.11 43.73
CA VAL H 60 9.03 -18.84 42.32
C VAL H 60 7.66 -18.16 42.18
N LYS H 61 6.64 -18.72 42.83
CA LYS H 61 5.29 -18.13 42.78
C LYS H 61 5.26 -16.67 43.32
N ALA H 62 5.92 -16.44 44.46
CA ALA H 62 5.99 -15.10 45.02
C ALA H 62 6.70 -14.10 44.10
N HIS H 63 7.82 -14.51 43.50
CA HIS H 63 8.55 -13.61 42.59
C HIS H 63 7.74 -13.29 41.32
N GLY H 64 7.02 -14.28 40.79
CA GLY H 64 6.15 -14.05 39.62
C GLY H 64 5.07 -12.98 39.84
N LYS H 65 4.54 -12.87 41.07
CA LYS H 65 3.59 -11.80 41.42
C LYS H 65 4.18 -10.39 41.29
N LYS H 66 5.41 -10.16 41.77
CA LYS H 66 5.97 -8.81 41.67
C LYS H 66 6.41 -8.45 40.26
N VAL H 67 6.89 -9.44 39.49
CA VAL H 67 7.30 -9.21 38.10
C VAL H 67 6.11 -8.83 37.24
N LEU H 68 5.04 -9.63 37.31
CA LEU H 68 3.86 -9.33 36.48
C LEU H 68 3.07 -8.13 37.02
N GLY H 69 3.17 -7.86 38.32
CA GLY H 69 2.60 -6.63 38.87
C GLY H 69 3.20 -5.37 38.26
N ALA H 70 4.54 -5.33 38.09
CA ALA H 70 5.18 -4.22 37.42
C ALA H 70 4.82 -4.12 35.91
N PHE H 71 4.74 -5.27 35.25
CA PHE H 71 4.27 -5.35 33.86
C PHE H 71 2.86 -4.74 33.71
N SER H 72 1.94 -5.15 34.60
CA SER H 72 0.55 -4.69 34.61
C SER H 72 0.45 -3.18 34.76
N ASP H 73 1.21 -2.62 35.72
CA ASP H 73 1.26 -1.16 35.90
C ASP H 73 1.68 -0.43 34.62
N GLY H 74 2.62 -1.00 33.85
CA GLY H 74 3.11 -0.40 32.63
C GLY H 74 2.12 -0.33 31.48
N LEU H 75 1.07 -1.15 31.54
CA LEU H 75 0.05 -1.16 30.49
C LEU H 75 -0.76 0.16 30.43
N ALA H 76 -0.67 0.97 31.49
CA ALA H 76 -1.31 2.30 31.50
C ALA H 76 -0.45 3.40 30.85
N HIS H 77 0.73 3.02 30.36
CA HIS H 77 1.70 3.98 29.84
C HIS H 77 2.31 3.55 28.50
N LEU H 78 1.46 3.05 27.60
CA LEU H 78 1.97 2.46 26.36
C LEU H 78 2.72 3.45 25.46
N ASP H 79 2.46 4.76 25.62
CA ASP H 79 3.15 5.80 24.85
C ASP H 79 4.48 6.29 25.48
N ASN H 80 4.80 5.80 26.68
CA ASN H 80 6.08 6.13 27.33
C ASN H 80 6.73 4.95 28.06
N LEU H 81 6.95 3.83 27.35
CA LEU H 81 7.50 2.63 28.01
C LEU H 81 8.95 2.80 28.47
N LYS H 82 9.78 3.52 27.69
CA LYS H 82 11.18 3.78 28.06
C LYS H 82 11.30 4.57 29.38
N GLY H 83 10.49 5.61 29.56
CA GLY H 83 10.49 6.31 30.84
C GLY H 83 9.94 5.49 31.99
N THR H 84 8.83 4.77 31.76
CA THR H 84 8.17 3.94 32.77
C THR H 84 9.13 2.92 33.42
N PHE H 85 9.93 2.27 32.57
CA PHE H 85 10.83 1.19 33.01
C PHE H 85 12.31 1.61 33.21
N ALA H 86 12.62 2.92 33.18
CA ALA H 86 14.01 3.40 33.33
C ALA H 86 14.71 2.97 34.65
N THR H 87 14.08 3.19 35.82
CA THR H 87 14.75 2.78 37.08
C THR H 87 14.92 1.26 37.22
N LEU H 88 13.93 0.48 36.75
CA LEU H 88 14.08 -1.00 36.74
C LEU H 88 15.18 -1.47 35.75
N SER H 89 15.34 -0.76 34.62
CA SER H 89 16.40 -1.08 33.63
C SER H 89 17.80 -0.92 34.30
N GLU H 90 17.99 0.25 34.92
CA GLU H 90 19.21 0.55 35.68
C GLU H 90 19.50 -0.49 36.78
N LEU H 91 18.48 -0.88 37.54
CA LEU H 91 18.63 -1.92 38.59
C LEU H 91 19.08 -3.30 38.04
N HIS H 92 18.39 -3.74 36.98
CA HIS H 92 18.69 -5.07 36.37
C HIS H 92 20.11 -5.12 35.75
N CYS H 93 20.61 -3.96 35.28
CA CYS H 93 22.00 -3.88 34.76
C CYS H 93 23.04 -3.79 35.89
N ASP H 94 22.93 -2.76 36.74
CA ASP H 94 24.00 -2.44 37.73
C ASP H 94 24.06 -3.33 38.99
N LYS H 95 22.90 -3.81 39.45
CA LYS H 95 22.82 -4.60 40.69
C LYS H 95 22.54 -6.08 40.51
N LEU H 96 21.63 -6.41 39.60
CA LEU H 96 21.23 -7.81 39.41
C LEU H 96 22.01 -8.55 38.32
N HIS H 97 22.66 -7.82 37.40
CA HIS H 97 23.45 -8.42 36.28
C HIS H 97 22.66 -9.44 35.43
N VAL H 98 21.46 -9.04 34.98
CA VAL H 98 20.56 -9.89 34.18
C VAL H 98 20.67 -9.55 32.67
N ASP H 99 21.17 -10.49 31.86
CA ASP H 99 21.19 -10.33 30.38
C ASP H 99 19.76 -9.95 29.85
N PRO H 100 19.60 -8.85 29.11
CA PRO H 100 18.24 -8.49 28.62
C PRO H 100 17.55 -9.51 27.69
N GLU H 101 18.30 -10.47 27.15
CA GLU H 101 17.66 -11.54 26.35
C GLU H 101 16.59 -12.28 27.18
N ASN H 102 16.78 -12.35 28.51
CA ASN H 102 15.78 -12.95 29.45
C ASN H 102 14.40 -12.27 29.36
N PHE H 103 14.37 -10.95 29.12
CA PHE H 103 13.08 -10.23 29.00
C PHE H 103 12.29 -10.65 27.75
N ARG H 104 13.02 -10.93 26.66
CA ARG H 104 12.43 -11.38 25.38
C ARG H 104 11.86 -12.80 25.54
N LEU H 105 12.62 -13.69 26.17
CA LEU H 105 12.14 -15.06 26.45
C LEU H 105 10.87 -15.03 27.34
N LEU H 106 10.86 -14.21 28.42
CA LEU H 106 9.65 -14.14 29.27
C LEU H 106 8.43 -13.63 28.49
N GLY H 107 8.62 -12.66 27.60
CA GLY H 107 7.50 -12.18 26.77
C GLY H 107 6.85 -13.26 25.92
N ASN H 108 7.68 -14.10 25.31
CA ASN H 108 7.14 -15.18 24.46
C ASN H 108 6.43 -16.29 25.28
N VAL H 109 6.98 -16.63 26.46
CA VAL H 109 6.28 -17.54 27.37
C VAL H 109 4.92 -16.96 27.84
N LEU H 110 4.87 -15.66 28.18
CA LEU H 110 3.61 -15.04 28.57
C LEU H 110 2.56 -15.14 27.46
N VAL H 111 2.95 -14.91 26.22
CA VAL H 111 2.03 -15.06 25.08
C VAL H 111 1.46 -16.50 25.01
N CYS H 112 2.33 -17.52 25.20
CA CYS H 112 1.87 -18.93 25.26
C CYS H 112 0.88 -19.20 26.43
N VAL H 113 1.14 -18.60 27.61
CA VAL H 113 0.25 -18.74 28.78
C VAL H 113 -1.15 -18.10 28.56
N LEU H 114 -1.18 -16.94 27.89
CA LEU H 114 -2.46 -16.30 27.56
C LEU H 114 -3.28 -17.14 26.57
N ALA H 115 -2.61 -17.69 25.54
CA ALA H 115 -3.24 -18.63 24.60
C ALA H 115 -3.81 -19.88 25.31
N HIS H 116 -3.02 -20.49 26.21
CA HIS H 116 -3.48 -21.70 26.95
C HIS H 116 -4.72 -21.38 27.80
N HIS H 117 -4.71 -20.23 28.48
CA HIS H 117 -5.82 -19.82 29.37
C HIS H 117 -7.11 -19.49 28.60
N PHE H 118 -6.99 -18.68 27.55
CA PHE H 118 -8.17 -18.11 26.86
C PHE H 118 -8.68 -18.92 25.65
N GLY H 119 -7.87 -19.82 25.12
CA GLY H 119 -8.30 -20.64 23.98
C GLY H 119 -8.63 -19.81 22.73
N LYS H 120 -9.78 -20.10 22.11
CA LYS H 120 -10.17 -19.44 20.85
C LYS H 120 -10.36 -17.92 20.99
N GLU H 121 -10.60 -17.45 22.22
CA GLU H 121 -10.67 -16.00 22.50
C GLU H 121 -9.34 -15.26 22.21
N PHE H 122 -8.22 -15.98 22.30
CA PHE H 122 -6.89 -15.41 21.93
C PHE H 122 -6.69 -15.47 20.39
N THR H 123 -7.44 -14.64 19.66
CA THR H 123 -7.46 -14.69 18.19
C THR H 123 -6.13 -14.22 17.56
N PRO H 124 -5.86 -14.53 16.29
CA PRO H 124 -4.64 -13.99 15.65
C PRO H 124 -4.49 -12.44 15.74
N PRO H 125 -5.52 -11.61 15.56
CA PRO H 125 -5.36 -10.16 15.79
C PRO H 125 -5.09 -9.76 17.25
N VAL H 126 -5.65 -10.48 18.22
CA VAL H 126 -5.36 -10.21 19.64
C VAL H 126 -3.89 -10.56 19.96
N GLN H 127 -3.41 -11.68 19.42
CA GLN H 127 -1.98 -12.06 19.56
C GLN H 127 -1.06 -10.97 19.01
N ALA H 128 -1.36 -10.47 17.81
CA ALA H 128 -0.51 -9.46 17.18
C ALA H 128 -0.36 -8.19 18.05
N ALA H 129 -1.46 -7.78 18.69
CA ALA H 129 -1.43 -6.64 19.60
C ALA H 129 -0.55 -6.92 20.84
N TYR H 130 -0.70 -8.10 21.46
CA TYR H 130 0.16 -8.51 22.60
C TYR H 130 1.66 -8.70 22.21
N GLN H 131 1.95 -9.07 20.95
CA GLN H 131 3.35 -9.14 20.51
C GLN H 131 3.99 -7.75 20.45
N LYS H 132 3.24 -6.74 19.98
CA LYS H 132 3.69 -5.35 20.04
C LYS H 132 4.02 -4.93 21.50
N VAL H 133 3.14 -5.27 22.44
CA VAL H 133 3.34 -4.94 23.87
C VAL H 133 4.59 -5.60 24.50
N VAL H 134 4.76 -6.93 24.34
CA VAL H 134 5.90 -7.59 24.99
C VAL H 134 7.25 -7.17 24.38
N ALA H 135 7.29 -6.93 23.07
CA ALA H 135 8.51 -6.40 22.42
C ALA H 135 8.85 -5.01 22.96
N GLY H 136 7.83 -4.15 23.14
CA GLY H 136 8.06 -2.81 23.68
C GLY H 136 8.55 -2.79 25.13
N VAL H 137 8.01 -3.68 25.96
CA VAL H 137 8.45 -3.79 27.37
C VAL H 137 9.90 -4.31 27.48
N ALA H 138 10.22 -5.36 26.70
CA ALA H 138 11.60 -5.88 26.67
C ALA H 138 12.61 -4.83 26.17
N ASN H 139 12.26 -4.08 25.11
CA ASN H 139 13.12 -3.01 24.57
C ASN H 139 13.31 -1.90 25.64
N ALA H 140 12.24 -1.56 26.35
CA ALA H 140 12.35 -0.56 27.42
C ALA H 140 13.23 -1.00 28.61
N LEU H 141 13.08 -2.26 29.06
CA LEU H 141 13.93 -2.80 30.14
C LEU H 141 15.41 -2.90 29.71
N ALA H 142 15.69 -3.05 28.41
CA ALA H 142 17.08 -3.09 27.89
C ALA H 142 17.73 -1.69 27.71
N HIS H 143 16.93 -0.62 27.72
CA HIS H 143 17.36 0.68 27.17
C HIS H 143 18.46 1.42 27.94
N LYS H 144 18.51 1.24 29.27
CA LYS H 144 19.55 1.89 30.11
C LYS H 144 20.83 1.05 30.39
N TYR H 145 20.95 -0.11 29.72
CA TYR H 145 22.18 -0.94 29.86
C TYR H 145 23.43 -0.23 29.31
N HIS H 146 24.59 -0.46 29.95
CA HIS H 146 25.84 0.24 29.62
C HIS H 146 27.06 -0.56 30.16
CHA HEM I . -40.09 17.28 -22.23
CHB HEM I . -37.41 21.42 -22.10
CHC HEM I . -33.31 18.75 -21.76
CHD HEM I . -35.90 14.62 -22.37
C1A HEM I . -39.74 18.63 -22.26
C2A HEM I . -40.65 19.76 -22.45
C3A HEM I . -39.89 20.90 -22.42
C4A HEM I . -38.51 20.52 -22.18
CMA HEM I . -40.38 22.35 -22.60
CAA HEM I . -42.19 19.64 -22.70
CBA HEM I . -43.04 19.83 -21.43
CGA HEM I . -44.49 19.85 -21.82
O1A HEM I . -44.98 20.94 -22.23
O2A HEM I . -45.14 18.79 -21.75
C1B HEM I . -36.07 21.06 -22.00
C2B HEM I . -34.94 22.00 -22.00
C3B HEM I . -33.80 21.24 -21.91
C4B HEM I . -34.18 19.84 -21.84
CMB HEM I . -35.07 23.53 -22.08
CAB HEM I . -32.31 21.72 -21.84
CBB HEM I . -31.87 22.87 -22.41
C1C HEM I . -33.62 17.41 -21.97
C2C HEM I . -32.68 16.32 -22.27
C3C HEM I . -33.41 15.18 -22.46
C4C HEM I . -34.83 15.51 -22.26
CMC HEM I . -31.12 16.48 -22.32
CAC HEM I . -32.89 13.76 -22.80
CBC HEM I . -31.79 13.49 -23.55
C1D HEM I . -37.25 14.96 -22.41
C2D HEM I . -38.31 14.02 -22.69
C3D HEM I . -39.60 14.81 -22.66
C4D HEM I . -39.22 16.20 -22.36
CMD HEM I . -38.18 12.49 -22.95
CAD HEM I . -41.01 14.21 -22.94
CBD HEM I . -41.23 14.28 -24.46
CGD HEM I . -42.59 13.76 -24.93
O1D HEM I . -43.29 14.50 -25.67
O2D HEM I . -42.96 12.61 -24.60
NA HEM I . -38.45 19.13 -22.06
NB HEM I . -35.57 19.74 -21.90
NC HEM I . -34.92 16.89 -21.99
ND HEM I . -37.82 16.25 -22.24
FE HEM I . -36.70 17.99 -21.63
CHA HEM J . 3.08 20.41 -27.88
CHB HEM J . -0.07 17.89 -30.64
CHC HEM J . -3.76 19.22 -27.70
CHD HEM J . -0.59 21.48 -24.76
C1A HEM J . 2.57 19.65 -28.91
C2A HEM J . 3.29 19.16 -30.09
C3A HEM J . 2.41 18.48 -30.85
C4A HEM J . 1.11 18.51 -30.19
CMA HEM J . 2.73 17.77 -32.20
CAA HEM J . 4.81 19.38 -30.37
CBA HEM J . 5.52 18.21 -29.63
CGA HEM J . 7.02 18.10 -29.81
O1A HEM J . 7.49 17.24 -30.60
O2A HEM J . 7.75 18.83 -29.12
C1B HEM J . -1.34 17.99 -30.07
C2B HEM J . -2.57 17.39 -30.58
C3B HEM J . -3.60 17.75 -29.77
C4B HEM J . -3.03 18.62 -28.73
CMB HEM J . -2.64 16.49 -31.83
CAB HEM J . -5.11 17.39 -29.91
CBB HEM J . -5.73 17.35 -31.09
C1C HEM J . -3.24 20.02 -26.68
C2C HEM J . -3.99 20.74 -25.68
C3C HEM J . -3.12 21.37 -24.87
C4C HEM J . -1.78 21.04 -25.33
CMC HEM J . -5.54 20.77 -25.62
CAC HEM J . -3.39 22.27 -23.61
CBC HEM J . -4.49 22.97 -23.39
C1D HEM J . 0.67 21.45 -25.33
C2D HEM J . 1.85 22.14 -24.83
C3D HEM J . 2.97 21.80 -25.80
C4D HEM J . 2.38 20.94 -26.81
CMD HEM J . 1.96 23.02 -23.56
CAD HEM J . 4.44 22.31 -25.73
CBD HEM J . 4.40 23.70 -26.38
CGD HEM J . 5.72 24.42 -26.51
O1D HEM J . 6.57 24.33 -25.58
O2D HEM J . 5.91 25.11 -27.54
NA HEM J . 1.24 19.23 -29.01
NB HEM J . -1.68 18.71 -28.93
NC HEM J . -1.90 20.23 -26.44
ND HEM J . 1.02 20.76 -26.51
FE HEM J . -0.26 19.48 -27.55
C1 2FU K . -10.49 0.49 -26.70
O3 2FU K . -9.64 1.00 -28.78
C2 2FU K . -9.50 1.17 -27.58
C7 2FU K . -12.62 -0.76 -26.53
C5 2FU K . -11.57 -0.07 -27.28
O8 2FU K . -12.83 -0.41 -25.38
CHA HEM L . -4.26 23.07 -2.55
CHB HEM L . -8.58 21.90 -0.60
CHC HEM L . -9.83 19.40 -4.60
CHD HEM L . -5.38 20.20 -6.41
C1A HEM L . -5.30 22.97 -1.63
C2A HEM L . -5.33 23.47 -0.26
C3A HEM L . -6.53 23.14 0.28
C4A HEM L . -7.30 22.43 -0.76
CMA HEM L . -7.03 23.44 1.71
CAA HEM L . -4.17 24.22 0.45
CBA HEM L . -4.18 25.75 0.24
CGA HEM L . -3.08 26.38 1.08
O1A HEM L . -3.39 27.01 2.12
O2A HEM L . -1.89 26.23 0.71
C1B HEM L . -9.32 21.12 -1.49
C2B HEM L . -10.63 20.52 -1.23
C3B HEM L . -10.97 19.81 -2.35
C4B HEM L . -9.89 19.95 -3.32
CMB HEM L . -11.43 20.68 0.09
CAB HEM L . -12.25 18.99 -2.66
CBB HEM L . -12.94 18.33 -1.73
C1C HEM L . -8.73 19.32 -5.44
C2C HEM L . -8.52 18.47 -6.60
C3C HEM L . -7.28 18.66 -7.11
C4C HEM L . -6.65 19.69 -6.24
CMC HEM L . -9.63 17.50 -7.12
CAC HEM L . -6.61 17.99 -8.33
CBC HEM L . -6.78 16.69 -8.68
C1D HEM L . -4.66 21.02 -5.55
C2D HEM L . -3.28 21.42 -5.75
C3D HEM L . -2.91 22.30 -4.57
C4D HEM L . -4.11 22.37 -3.74
CMD HEM L . -2.34 21.02 -6.91
CAD HEM L . -1.54 22.93 -4.31
CBD HEM L . -0.71 21.88 -3.53
CGD HEM L . 0.70 22.30 -3.18
O1D HEM L . 1.06 22.21 -1.98
O2D HEM L . 1.48 22.70 -4.08
NA HEM L . -6.52 22.35 -1.89
NB HEM L . -8.90 20.75 -2.76
NC HEM L . -7.57 20.07 -5.28
ND HEM L . -5.12 21.61 -4.37
FE HEM L . -7.19 21.54 -3.76
CHA HEM M . -32.51 -7.16 -16.70
CHB HEM M . -27.67 -7.80 -16.11
CHC HEM M . -27.23 -3.13 -14.73
CHD HEM M . -31.99 -2.35 -15.64
C1A HEM M . -31.26 -7.77 -16.60
C2A HEM M . -30.96 -9.19 -16.73
C3A HEM M . -29.63 -9.35 -16.58
C4A HEM M . -29.03 -8.05 -16.31
CMA HEM M . -28.86 -10.69 -16.62
CAA HEM M . -32.00 -10.31 -17.07
CBA HEM M . -31.99 -10.37 -18.61
CGA HEM M . -32.90 -11.37 -19.30
O1A HEM M . -32.41 -12.19 -20.11
O2A HEM M . -34.14 -11.32 -19.10
C1B HEM M . -27.11 -6.58 -15.72
C2B HEM M . -25.71 -6.33 -15.43
C3B HEM M . -25.58 -5.03 -15.04
C4B HEM M . -26.91 -4.43 -15.09
CMB HEM M . -24.56 -7.36 -15.54
CAB HEM M . -24.29 -4.25 -14.63
CBB HEM M . -23.33 -4.78 -13.85
C1C HEM M . -28.49 -2.52 -14.76
C2C HEM M . -28.83 -1.19 -14.28
C3C HEM M . -30.15 -0.98 -14.55
C4C HEM M . -30.67 -2.17 -15.22
CMC HEM M . -27.81 -0.24 -13.62
CAC HEM M . -31.00 0.29 -14.29
CBC HEM M . -30.85 1.08 -13.21
C1D HEM M . -32.58 -3.58 -15.97
C2D HEM M . -34.00 -3.77 -16.22
C3D HEM M . -34.15 -5.25 -16.56
C4D HEM M . -32.82 -5.83 -16.48
CMD HEM M . -35.09 -2.67 -16.17
CAD HEM M . -35.48 -6.00 -16.85
CBD HEM M . -36.16 -6.18 -15.49
CGD HEM M . -37.65 -6.49 -15.56
O1D HEM M . -38.47 -5.66 -15.08
O2D HEM M . -38.00 -7.59 -16.07
NA HEM M . -30.06 -7.11 -16.34
NB HEM M . -27.82 -5.40 -15.52
NC HEM M . -29.64 -3.09 -15.33
ND HEM M . -31.93 -4.82 -16.13
FE HEM M . -29.79 -5.02 -16.17
CHA HEM N . 34.94 -19.91 31.00
CHB HEM N . 35.93 -21.05 26.31
CHC HEM N . 32.08 -18.38 24.89
CHD HEM N . 31.41 -16.79 29.46
C1A HEM N . 35.56 -20.44 29.87
C2A HEM N . 36.79 -21.23 29.84
C3A HEM N . 37.05 -21.52 28.54
C4A HEM N . 36.00 -20.97 27.70
CMA HEM N . 38.24 -22.35 28.01
CAA HEM N . 37.66 -21.65 31.08
CBA HEM N . 37.29 -23.06 31.54
CGA HEM N . 38.03 -23.61 32.75
O1A HEM N . 37.96 -24.85 32.96
O2A HEM N . 38.69 -22.85 33.50
C1B HEM N . 35.00 -20.43 25.48
C2B HEM N . 34.94 -20.46 24.02
C3B HEM N . 33.88 -19.73 23.64
C4B HEM N . 33.23 -19.20 24.84
CMB HEM N . 35.94 -21.23 23.11
CAB HEM N . 33.39 -19.45 22.19
CBB HEM N . 34.21 -19.35 21.13
C1C HEM N . 31.59 -17.63 25.96
C2C HEM N . 30.65 -16.50 25.93
C3C HEM N . 30.49 -16.06 27.19
C4C HEM N . 31.32 -16.90 28.07
CMC HEM N . 30.00 -15.97 24.62
CAC HEM N . 29.65 -14.87 27.73
CBC HEM N . 29.49 -13.70 27.04
C1D HEM N . 32.29 -17.48 30.31
C2D HEM N . 32.46 -17.23 31.72
C3D HEM N . 33.55 -18.18 32.19
C4D HEM N . 33.96 -18.91 31.03
CMD HEM N . 31.68 -16.21 32.60
CAD HEM N . 34.12 -18.30 33.62
CBD HEM N . 35.25 -17.25 33.77
CGD HEM N . 35.87 -17.23 35.15
O1D HEM N . 37.12 -17.37 35.27
O2D HEM N . 35.13 -17.10 36.17
NA HEM N . 35.09 -20.32 28.55
NB HEM N . 33.92 -19.66 25.93
NC HEM N . 31.97 -17.84 27.27
ND HEM N . 33.21 -18.49 29.91
FE HEM N . 33.27 -19.38 27.96
CHA HEM O . 18.20 -0.69 -4.33
CHB HEM O . 20.13 1.61 -0.49
CHC HEM O . 21.08 -2.68 1.64
CHD HEM O . 18.80 -5.02 -1.98
C1A HEM O . 18.69 0.32 -3.53
C2A HEM O . 18.84 1.74 -3.88
C3A HEM O . 19.38 2.37 -2.81
C4A HEM O . 19.60 1.38 -1.75
CMA HEM O . 19.72 3.89 -2.70
CAA HEM O . 18.42 2.36 -5.25
CBA HEM O . 16.95 2.74 -5.12
CGA HEM O . 16.40 3.43 -6.35
O1A HEM O . 16.24 4.67 -6.31
O2A HEM O . 16.13 2.73 -7.36
C1B HEM O . 20.54 0.67 0.46
C2B HEM O . 21.14 0.91 1.77
C3B HEM O . 21.41 -0.27 2.36
C4B HEM O . 20.96 -1.31 1.45
CMB HEM O . 21.43 2.34 2.32
CAB HEM O . 22.04 -0.55 3.75
CBB HEM O . 23.03 0.21 4.23
C1C HEM O . 20.59 -3.72 0.84
C2C HEM O . 20.76 -5.14 1.06
C3C HEM O . 20.12 -5.80 0.06
C4C HEM O . 19.54 -4.79 -0.83
CMC HEM O . 21.54 -5.72 2.27
CAC HEM O . 19.98 -7.34 -0.18
CBC HEM O . 20.86 -8.27 0.17
C1D HEM O . 18.48 -4.08 -2.96
C2D HEM O . 17.94 -4.43 -4.27
C3D HEM O . 17.76 -3.10 -4.98
C4D HEM O . 18.22 -2.05 -4.07
CMD HEM O . 17.62 -5.84 -4.82
CAD HEM O . 17.23 -2.89 -6.42
CBD HEM O . 18.39 -3.17 -7.39
CGD HEM O . 17.88 -3.21 -8.82
O1D HEM O . 17.77 -4.34 -9.37
O2D HEM O . 17.55 -2.13 -9.37
NA HEM O . 19.17 0.15 -2.23
NB HEM O . 20.44 -0.71 0.29
NC HEM O . 19.84 -3.54 -0.32
ND HEM O . 18.62 -2.69 -2.89
FE HEM O . 19.20 -1.66 -1.12
C1 2FU P . 12.99 4.28 19.84
O3 2FU P . 11.34 3.64 21.24
C2 2FU P . 12.52 4.02 21.22
C7 2FU P . 13.43 4.29 17.52
C5 2FU P . 12.68 3.75 18.66
O8 2FU P . 14.41 5.04 17.67
CHA HEM Q . 7.41 -24.22 0.89
CHB HEM Q . 7.75 -26.78 5.08
CHC HEM Q . 9.47 -22.80 7.39
CHD HEM Q . 8.82 -20.13 3.35
C1A HEM Q . 7.32 -25.25 1.81
C2A HEM Q . 6.78 -26.58 1.58
C3A HEM Q . 6.87 -27.27 2.73
C4A HEM Q . 7.48 -26.43 3.75
CMA HEM Q . 6.41 -28.73 2.97
CAA HEM Q . 6.19 -27.08 0.23
CBA HEM Q . 7.30 -27.78 -0.56
CGA HEM Q . 6.90 -28.22 -1.95
O1A HEM Q . 7.56 -29.16 -2.46
O2A HEM Q . 5.95 -27.65 -2.55
C1B HEM Q . 8.22 -25.95 6.10
C2B HEM Q . 8.38 -26.28 7.51
C3B HEM Q . 8.86 -25.18 8.15
C4B HEM Q . 9.01 -24.11 7.16
CMB HEM Q . 8.07 -27.69 8.10
CAB HEM Q . 9.21 -24.97 9.65
CBB HEM Q . 8.68 -25.69 10.64
C1C HEM Q . 9.38 -21.70 6.54
C2C HEM Q . 9.52 -20.28 6.89
C3C HEM Q . 9.33 -19.55 5.77
C4C HEM Q . 9.06 -20.47 4.67
CMC HEM Q . 9.86 -19.74 8.32
CAC HEM Q . 9.37 -18.01 5.57
CBC HEM Q . 8.97 -17.16 6.54
C1D HEM Q . 8.39 -20.98 2.33
C2D HEM Q . 7.98 -20.52 1.01
C3D HEM Q . 7.54 -21.77 0.24
C4D HEM Q . 7.70 -22.89 1.18
CMD HEM Q . 8.01 -19.08 0.43
CAD HEM Q . 7.01 -21.83 -1.22
CBD HEM Q . 5.49 -21.54 -1.14
CGD HEM Q . 4.81 -21.53 -2.51
O1D HEM Q . 3.79 -22.24 -2.68
O2D HEM Q . 5.30 -20.83 -3.42
NA HEM Q . 7.75 -25.21 3.14
NB HEM Q . 8.61 -24.62 5.94
NC HEM Q . 9.11 -21.76 5.17
ND HEM Q . 8.19 -22.39 2.40
FE HEM Q . 8.82 -23.56 4.04
CHA HEM R . 13.72 -8.35 40.79
CHB HEM R . 10.46 -6.61 37.55
CHC HEM R . 11.96 -9.97 34.32
CHD HEM R . 15.47 -11.49 37.38
C1A HEM R . 12.69 -7.61 40.22
C2A HEM R . 11.87 -6.61 40.92
C3A HEM R . 10.96 -6.14 40.04
C4A HEM R . 11.14 -6.81 38.75
CMA HEM R . 9.85 -5.09 40.32
CAA HEM R . 12.09 -6.19 42.41
CBA HEM R . 13.17 -5.07 42.47
CGA HEM R . 13.92 -4.89 43.78
O1A HEM R . 14.14 -3.72 44.19
O2A HEM R . 14.30 -5.90 44.43
C1B HEM R . 10.59 -7.33 36.36
C2B HEM R . 9.85 -7.12 35.13
C3B HEM R . 10.26 -8.06 34.23
C4B HEM R . 11.29 -8.88 34.89
CMB HEM R . 8.79 -6.01 34.91
CAB HEM R . 9.75 -8.23 32.78
CBB HEM R . 8.48 -8.08 32.39
C1C HEM R . 12.98 -10.73 34.88
C2C HEM R . 13.60 -11.92 34.30
C3C HEM R . 14.58 -12.34 35.15
C4C HEM R . 14.62 -11.42 36.28
CMC HEM R . 13.11 -12.54 32.95
CAC HEM R . 15.57 -13.53 35.04
CBC HEM R . 15.31 -14.69 34.42
C1D HEM R . 15.28 -10.83 38.60
C2D HEM R . 16.03 -11.09 39.81
C3D HEM R . 15.48 -10.16 40.87
C4D HEM R . 14.46 -9.37 40.19
CMD HEM R . 17.14 -12.14 40.00
CAD HEM R . 15.94 -10.11 42.35
CBD HEM R . 15.34 -11.34 43.07
CGD HEM R . 15.72 -11.47 44.53
O1D HEM R . 16.39 -12.49 44.90
O2D HEM R . 15.35 -10.59 45.34
NA HEM R . 12.23 -7.69 38.90
NB HEM R . 11.48 -8.38 36.18
NC HEM R . 13.63 -10.47 36.08
ND HEM R . 14.36 -9.80 38.84
FE HEM R . 13.13 -8.88 37.40
#